data_5CSR
#
_entry.id   5CSR
#
_cell.length_a   75.486
_cell.length_b   113.963
_cell.length_c   114.796
_cell.angle_alpha   90.00
_cell.angle_beta   90.00
_cell.angle_gamma   90.00
#
_symmetry.space_group_name_H-M   'P 21 21 21'
#
loop_
_entity.id
_entity.type
_entity.pdbx_description
1 polymer 'Triosephosphate isomerase'
2 non-polymer GLYCEROL
3 non-polymer 'CHLORIDE ION'
4 water water
#
_entity_poly.entity_id   1
_entity_poly.type   'polypeptide(L)'
_entity_poly.pdbx_seq_one_letter_code
;MDMYTAIVNLKTYREATGANFTRFMEKFEPVQGKFELIFSPSLLDLEKAAKCGKFRFFAQHVDAEPYGAYTGHVPMDMMI
DLGITGSILNHSERRLPRDTIINTLKKASKLDFTIVLCVENAEEAKYFREYEPDFIAYEPRDLIGGDVSVSTAKPEIIED
IVKIYEGTGTSVLVGAGIKTGEDVRRSIGLGARGILVASGVVKSADPTKSLNSLIELKLEHHHHHH
;
_entity_poly.pdbx_strand_id   A,B,C,D
#
# COMPACT_ATOMS: atom_id res chain seq x y z
N MET A 3 -2.89 -23.07 -23.11
CA MET A 3 -1.64 -22.35 -22.74
C MET A 3 -0.71 -23.22 -21.86
N TYR A 4 0.55 -22.87 -21.79
CA TYR A 4 1.46 -23.37 -20.79
C TYR A 4 1.47 -22.47 -19.55
N THR A 5 2.07 -22.93 -18.43
CA THR A 5 2.08 -22.15 -17.17
C THR A 5 3.55 -21.93 -16.67
N ALA A 6 3.94 -20.68 -16.32
CA ALA A 6 5.21 -20.41 -15.63
C ALA A 6 4.91 -19.80 -14.24
N ILE A 7 5.34 -20.48 -13.16
CA ILE A 7 5.19 -19.98 -11.79
C ILE A 7 6.56 -19.50 -11.29
N VAL A 8 6.61 -18.26 -10.82
CA VAL A 8 7.83 -17.64 -10.21
C VAL A 8 7.63 -17.48 -8.68
N ASN A 9 8.39 -18.26 -7.92
CA ASN A 9 8.31 -18.32 -6.45
C ASN A 9 9.26 -17.30 -5.80
N LEU A 10 8.72 -16.29 -5.10
CA LEU A 10 9.52 -15.22 -4.46
C LEU A 10 10.25 -15.66 -3.17
N LYS A 11 9.91 -16.86 -2.68
CA LYS A 11 10.37 -17.38 -1.38
C LYS A 11 10.38 -16.30 -0.30
N THR A 12 11.50 -16.15 0.45
CA THR A 12 11.66 -14.99 1.34
C THR A 12 12.96 -14.21 0.96
N TYR A 13 13.17 -14.03 -0.35
CA TYR A 13 14.34 -13.32 -0.85
C TYR A 13 14.20 -11.80 -0.55
N ARG A 14 15.30 -11.14 -0.18
CA ARG A 14 15.28 -9.70 0.04
C ARG A 14 14.77 -8.83 -1.11
N GLU A 15 15.07 -9.23 -2.36
CA GLU A 15 14.74 -8.43 -3.57
C GLU A 15 13.22 -8.26 -3.88
N ALA A 16 12.38 -9.12 -3.31
CA ALA A 16 10.92 -9.13 -3.66
C ALA A 16 10.02 -9.35 -2.42
N THR A 17 10.50 -8.93 -1.25
CA THR A 17 9.73 -8.89 0.00
C THR A 17 9.61 -7.46 0.57
N GLY A 18 8.54 -7.22 1.34
CA GLY A 18 8.33 -5.91 2.02
C GLY A 18 8.27 -4.74 1.05
N ALA A 19 8.97 -3.64 1.35
CA ALA A 19 9.01 -2.50 0.42
C ALA A 19 9.53 -2.83 -0.98
N ASN A 20 10.46 -3.79 -1.02
CA ASN A 20 10.99 -4.25 -2.29
C ASN A 20 9.96 -5.04 -3.14
N PHE A 21 8.98 -5.70 -2.53
CA PHE A 21 7.83 -6.32 -3.29
C PHE A 21 7.20 -5.25 -4.20
N THR A 22 6.88 -4.10 -3.65
CA THR A 22 6.21 -3.03 -4.43
C THR A 22 7.03 -2.49 -5.56
N ARG A 23 8.34 -2.23 -5.31
CA ARG A 23 9.22 -1.86 -6.37
C ARG A 23 9.42 -2.93 -7.47
N PHE A 24 9.65 -4.17 -7.07
CA PHE A 24 9.77 -5.31 -8.05
C PHE A 24 8.54 -5.39 -8.98
N MET A 25 7.34 -5.36 -8.39
CA MET A 25 6.10 -5.51 -9.19
C MET A 25 5.81 -4.29 -10.07
N GLU A 26 6.11 -3.06 -9.56
CA GLU A 26 6.04 -1.83 -10.38
C GLU A 26 6.81 -1.97 -11.70
N LYS A 27 8.04 -2.46 -11.64
CA LYS A 27 8.86 -2.62 -12.83
C LYS A 27 8.56 -3.81 -13.72
N PHE A 28 8.08 -4.90 -13.17
CA PHE A 28 7.91 -6.12 -13.96
C PHE A 28 6.77 -5.95 -15.00
N GLU A 29 7.01 -6.39 -16.24
CA GLU A 29 6.04 -6.21 -17.35
C GLU A 29 5.06 -7.40 -17.52
N PRO A 30 3.74 -7.12 -17.70
CA PRO A 30 2.84 -8.26 -18.00
C PRO A 30 3.23 -9.13 -19.23
N VAL A 31 3.06 -10.45 -19.15
CA VAL A 31 3.37 -11.44 -20.20
C VAL A 31 2.21 -11.63 -21.22
N GLN A 32 2.51 -11.68 -22.51
CA GLN A 32 1.55 -12.15 -23.54
C GLN A 32 2.10 -13.39 -24.32
N GLY A 33 1.22 -14.21 -24.87
CA GLY A 33 1.71 -15.34 -25.69
C GLY A 33 1.21 -16.66 -25.12
N LYS A 34 1.96 -17.72 -25.34
CA LYS A 34 1.47 -19.07 -25.04
C LYS A 34 1.59 -19.41 -23.53
N PHE A 35 2.41 -18.69 -22.76
CA PHE A 35 2.57 -18.93 -21.31
C PHE A 35 1.75 -17.95 -20.44
N GLU A 36 1.02 -18.47 -19.45
CA GLU A 36 0.42 -17.66 -18.37
C GLU A 36 1.43 -17.54 -17.21
N LEU A 37 1.58 -16.36 -16.64
CA LEU A 37 2.47 -16.12 -15.48
C LEU A 37 1.66 -16.13 -14.18
N ILE A 38 2.19 -16.79 -13.15
CA ILE A 38 1.65 -16.73 -11.79
C ILE A 38 2.80 -16.47 -10.80
N PHE A 39 2.66 -15.46 -9.90
CA PHE A 39 3.71 -15.17 -8.88
C PHE A 39 3.27 -15.77 -7.56
N SER A 40 4.23 -16.24 -6.73
CA SER A 40 3.91 -16.71 -5.37
C SER A 40 4.65 -15.86 -4.30
N PRO A 41 3.97 -14.84 -3.73
CA PRO A 41 4.60 -13.96 -2.72
C PRO A 41 4.71 -14.62 -1.35
N SER A 42 5.53 -14.05 -0.48
CA SER A 42 5.64 -14.54 0.93
C SER A 42 4.27 -14.35 1.68
N LEU A 43 4.09 -15.11 2.74
CA LEU A 43 2.87 -15.02 3.55
C LEU A 43 2.64 -13.61 4.13
N LEU A 44 3.74 -12.93 4.53
CA LEU A 44 3.58 -11.61 5.14
C LEU A 44 3.18 -10.50 4.11
N ASP A 45 3.48 -10.75 2.83
CA ASP A 45 3.14 -9.85 1.71
C ASP A 45 1.78 -10.21 1.02
N LEU A 46 1.12 -11.30 1.39
CA LEU A 46 0.04 -11.86 0.53
C LEU A 46 -1.23 -10.97 0.41
N GLU A 47 -1.67 -10.35 1.52
CA GLU A 47 -2.84 -9.41 1.48
C GLU A 47 -2.58 -8.22 0.56
N LYS A 48 -1.38 -7.64 0.63
CA LYS A 48 -0.99 -6.54 -0.24
C LYS A 48 -0.95 -6.94 -1.71
N ALA A 49 -0.44 -8.14 -2.02
CA ALA A 49 -0.49 -8.64 -3.39
C ALA A 49 -1.93 -8.79 -3.92
N ALA A 50 -2.79 -9.42 -3.13
CA ALA A 50 -4.25 -9.56 -3.51
C ALA A 50 -4.91 -8.21 -3.83
N LYS A 51 -4.70 -7.18 -3.00
CA LYS A 51 -5.23 -5.83 -3.28
C LYS A 51 -4.58 -5.13 -4.48
N CYS A 52 -3.29 -5.40 -4.74
CA CYS A 52 -2.61 -4.86 -5.93
C CYS A 52 -3.22 -5.42 -7.24
N GLY A 53 -3.19 -6.73 -7.38
CA GLY A 53 -3.86 -7.35 -8.51
C GLY A 53 -3.25 -7.20 -9.89
N LYS A 54 -1.99 -6.75 -10.00
CA LYS A 54 -1.37 -6.53 -11.35
C LYS A 54 -1.14 -7.88 -12.08
N PHE A 55 -0.92 -8.96 -11.29
CA PHE A 55 -0.69 -10.33 -11.78
C PHE A 55 -1.57 -11.29 -11.02
N ARG A 56 -1.67 -12.53 -11.51
CA ARG A 56 -2.27 -13.61 -10.72
C ARG A 56 -1.32 -14.09 -9.60
N PHE A 57 -1.81 -14.13 -8.38
CA PHE A 57 -0.97 -14.50 -7.14
C PHE A 57 -1.49 -15.75 -6.44
N PHE A 58 -0.60 -16.73 -6.18
CA PHE A 58 -0.86 -17.90 -5.35
C PHE A 58 -0.04 -17.85 -4.07
N ALA A 59 -0.59 -18.35 -2.97
CA ALA A 59 0.19 -18.53 -1.72
C ALA A 59 1.36 -19.55 -1.86
N GLN A 60 2.31 -19.50 -0.91
CA GLN A 60 3.47 -20.46 -0.81
C GLN A 60 3.19 -21.77 0.02
N HIS A 61 2.12 -21.73 0.78
CA HIS A 61 1.67 -22.78 1.74
C HIS A 61 0.28 -22.39 2.21
N VAL A 62 -0.57 -23.37 2.48
CA VAL A 62 -1.96 -23.11 3.03
C VAL A 62 -2.35 -24.21 4.06
N ASP A 63 -3.09 -23.84 5.11
CA ASP A 63 -3.59 -24.76 6.11
C ASP A 63 -5.10 -25.15 5.81
N ALA A 64 -5.46 -26.41 6.13
CA ALA A 64 -6.87 -26.90 6.00
C ALA A 64 -7.85 -26.44 7.09
N GLU A 65 -7.34 -25.97 8.25
CA GLU A 65 -8.21 -25.47 9.34
C GLU A 65 -9.13 -24.32 8.86
N PRO A 66 -10.40 -24.25 9.34
CA PRO A 66 -11.31 -23.13 9.07
C PRO A 66 -10.98 -21.86 9.93
N TYR A 67 -11.80 -20.80 9.90
CA TYR A 67 -11.74 -19.74 10.95
C TYR A 67 -11.98 -20.35 12.34
N GLY A 68 -11.39 -19.77 13.38
CA GLY A 68 -11.55 -20.24 14.76
C GLY A 68 -10.28 -20.09 15.62
N ALA A 69 -10.13 -20.99 16.58
CA ALA A 69 -9.07 -20.90 17.61
C ALA A 69 -7.78 -21.59 17.13
N TYR A 70 -7.12 -21.00 16.13
CA TYR A 70 -5.92 -21.60 15.48
C TYR A 70 -4.73 -20.60 15.45
N THR A 71 -4.21 -20.24 16.62
CA THR A 71 -3.08 -19.28 16.77
C THR A 71 -1.94 -19.66 15.78
N GLY A 72 -1.44 -18.69 15.02
CA GLY A 72 -0.30 -18.93 14.14
C GLY A 72 -0.52 -19.72 12.85
N HIS A 73 -1.78 -19.93 12.46
CA HIS A 73 -2.14 -20.63 11.23
C HIS A 73 -2.54 -19.62 10.11
N VAL A 74 -2.59 -20.14 8.87
CA VAL A 74 -3.01 -19.39 7.68
C VAL A 74 -4.12 -20.17 6.93
N PRO A 75 -5.35 -20.05 7.43
CA PRO A 75 -6.48 -20.84 6.88
C PRO A 75 -6.87 -20.54 5.41
N MET A 76 -7.18 -21.60 4.68
CA MET A 76 -7.74 -21.53 3.31
C MET A 76 -8.91 -20.57 3.20
N ASP A 77 -9.82 -20.63 4.18
CA ASP A 77 -11.07 -19.79 4.09
C ASP A 77 -10.71 -18.28 4.17
N MET A 78 -9.68 -17.94 4.94
CA MET A 78 -9.23 -16.54 5.05
C MET A 78 -8.61 -16.06 3.74
N MET A 79 -7.79 -16.92 3.10
CA MET A 79 -7.25 -16.64 1.74
C MET A 79 -8.32 -16.37 0.71
N ILE A 80 -9.32 -17.25 0.64
CA ILE A 80 -10.43 -17.09 -0.29
C ILE A 80 -11.11 -15.72 -0.08
N ASP A 81 -11.39 -15.36 1.14
CA ASP A 81 -12.07 -14.08 1.47
C ASP A 81 -11.22 -12.84 1.10
N LEU A 82 -9.88 -12.96 1.10
CA LEU A 82 -8.97 -11.90 0.60
C LEU A 82 -8.86 -11.79 -0.91
N GLY A 83 -9.30 -12.80 -1.63
CA GLY A 83 -9.19 -12.81 -3.06
C GLY A 83 -8.13 -13.73 -3.64
N ILE A 84 -7.50 -14.57 -2.82
CA ILE A 84 -6.49 -15.51 -3.33
C ILE A 84 -7.13 -16.87 -3.64
N THR A 85 -6.88 -17.40 -4.85
CA THR A 85 -7.58 -18.59 -5.43
C THR A 85 -6.72 -19.85 -5.55
N GLY A 86 -5.47 -19.85 -5.03
CA GLY A 86 -4.61 -21.04 -5.12
C GLY A 86 -3.33 -20.91 -4.22
N SER A 87 -2.64 -22.04 -4.08
CA SER A 87 -1.40 -22.15 -3.28
C SER A 87 -0.52 -23.29 -3.76
N ILE A 88 0.80 -23.08 -3.59
CA ILE A 88 1.75 -24.16 -3.59
C ILE A 88 1.59 -24.96 -2.30
N LEU A 89 1.90 -26.28 -2.34
CA LEU A 89 1.82 -27.17 -1.14
C LEU A 89 2.97 -28.22 -1.17
N ASN A 90 3.52 -28.53 0.00
CA ASN A 90 4.55 -29.57 0.15
C ASN A 90 5.86 -29.27 -0.61
N HIS A 91 6.20 -27.99 -0.82
CA HIS A 91 7.56 -27.59 -1.37
C HIS A 91 8.68 -28.25 -0.56
N SER A 92 9.82 -28.54 -1.19
CA SER A 92 10.95 -29.15 -0.46
C SER A 92 11.38 -28.40 0.80
N GLU A 93 11.18 -27.06 0.84
CA GLU A 93 11.50 -26.22 2.04
C GLU A 93 10.40 -26.20 3.13
N ARG A 94 9.21 -26.71 2.78
CA ARG A 94 7.99 -26.68 3.64
C ARG A 94 7.22 -28.02 3.53
N ARG A 95 7.95 -29.14 3.76
CA ARG A 95 7.35 -30.49 3.61
C ARG A 95 6.35 -30.84 4.75
N LEU A 96 5.32 -31.63 4.43
CA LEU A 96 4.18 -31.93 5.34
C LEU A 96 3.92 -33.44 5.52
N PRO A 97 3.31 -33.87 6.64
CA PRO A 97 2.83 -35.27 6.74
C PRO A 97 1.81 -35.63 5.67
N ARG A 98 1.78 -36.89 5.22
CA ARG A 98 0.85 -37.32 4.20
C ARG A 98 -0.61 -37.14 4.53
N ASP A 99 -1.02 -37.40 5.79
CA ASP A 99 -2.45 -37.22 6.11
C ASP A 99 -2.89 -35.73 6.06
N THR A 100 -1.99 -34.83 6.45
CA THR A 100 -2.25 -33.38 6.33
C THR A 100 -2.45 -32.99 4.83
N ILE A 101 -1.59 -33.51 3.95
CA ILE A 101 -1.72 -33.21 2.49
C ILE A 101 -3.12 -33.69 1.97
N ILE A 102 -3.49 -34.91 2.29
CA ILE A 102 -4.79 -35.48 1.86
C ILE A 102 -5.97 -34.64 2.33
N ASN A 103 -5.99 -34.26 3.62
N ASN A 103 -5.99 -34.25 3.63
CA ASN A 103 -7.06 -33.39 4.14
CA ASN A 103 -7.06 -33.37 4.18
C ASN A 103 -7.16 -32.06 3.40
C ASN A 103 -7.16 -32.06 3.40
N THR A 104 -6.01 -31.45 3.12
CA THR A 104 -5.94 -30.22 2.32
C THR A 104 -6.42 -30.36 0.84
N LEU A 105 -5.99 -31.39 0.12
CA LEU A 105 -6.47 -31.65 -1.25
C LEU A 105 -8.00 -31.85 -1.29
N LYS A 106 -8.55 -32.57 -0.28
CA LYS A 106 -10.01 -32.84 -0.25
C LYS A 106 -10.81 -31.56 -0.05
N LYS A 107 -10.37 -30.69 0.86
CA LYS A 107 -11.05 -29.41 1.09
C LYS A 107 -10.96 -28.46 -0.11
N ALA A 108 -9.77 -28.39 -0.72
CA ALA A 108 -9.56 -27.57 -1.90
C ALA A 108 -10.52 -27.98 -3.04
N SER A 109 -10.67 -29.27 -3.27
CA SER A 109 -11.60 -29.75 -4.28
C SER A 109 -13.03 -29.24 -4.06
N LYS A 110 -13.49 -29.32 -2.82
CA LYS A 110 -14.81 -28.82 -2.42
C LYS A 110 -15.00 -27.33 -2.59
N LEU A 111 -13.95 -26.53 -2.36
CA LEU A 111 -14.05 -25.09 -2.49
C LEU A 111 -13.59 -24.51 -3.84
N ASP A 112 -13.27 -25.34 -4.81
CA ASP A 112 -12.73 -24.89 -6.10
C ASP A 112 -11.43 -24.09 -5.92
N PHE A 113 -10.57 -24.46 -4.96
CA PHE A 113 -9.28 -23.71 -4.70
C PHE A 113 -8.16 -24.49 -5.41
N THR A 114 -7.24 -23.85 -6.16
CA THR A 114 -6.22 -24.55 -6.97
C THR A 114 -4.95 -24.93 -6.16
N ILE A 115 -4.57 -26.22 -6.18
CA ILE A 115 -3.31 -26.64 -5.46
C ILE A 115 -2.21 -27.02 -6.47
N VAL A 116 -1.00 -26.46 -6.29
CA VAL A 116 0.18 -26.89 -7.04
C VAL A 116 0.97 -27.79 -6.06
N LEU A 117 0.84 -29.10 -6.19
CA LEU A 117 1.45 -30.06 -5.24
C LEU A 117 2.89 -30.44 -5.69
N CYS A 118 3.87 -30.14 -4.85
CA CYS A 118 5.28 -30.52 -5.14
C CYS A 118 5.56 -31.98 -4.70
N VAL A 119 6.23 -32.74 -5.54
CA VAL A 119 6.69 -34.10 -5.17
C VAL A 119 8.16 -34.31 -5.62
N GLU A 120 8.85 -35.28 -5.01
CA GLU A 120 10.30 -35.53 -5.30
C GLU A 120 10.59 -36.82 -6.08
N ASN A 121 9.63 -37.76 -6.20
CA ASN A 121 9.85 -39.06 -6.89
C ASN A 121 8.56 -39.71 -7.39
N ALA A 122 8.69 -40.78 -8.21
CA ALA A 122 7.52 -41.41 -8.83
C ALA A 122 6.57 -42.10 -7.85
N GLU A 123 7.09 -42.61 -6.72
CA GLU A 123 6.22 -43.19 -5.71
C GLU A 123 5.28 -42.11 -5.11
N GLU A 124 5.84 -40.95 -4.75
CA GLU A 124 4.97 -39.83 -4.22
C GLU A 124 3.94 -39.37 -5.24
N ALA A 125 4.38 -39.23 -6.50
CA ALA A 125 3.43 -38.87 -7.56
C ALA A 125 2.25 -39.85 -7.70
N LYS A 126 2.54 -41.17 -7.75
CA LYS A 126 1.46 -42.19 -7.83
C LYS A 126 0.54 -42.17 -6.59
N TYR A 127 1.14 -42.03 -5.40
CA TYR A 127 0.37 -42.04 -4.17
C TYR A 127 -0.74 -40.96 -4.15
N PHE A 128 -0.45 -39.77 -4.68
CA PHE A 128 -1.41 -38.67 -4.60
C PHE A 128 -2.34 -38.60 -5.81
N ARG A 129 -2.15 -39.45 -6.83
CA ARG A 129 -2.94 -39.37 -8.10
C ARG A 129 -4.45 -39.38 -7.88
N GLU A 130 -4.94 -40.26 -7.00
CA GLU A 130 -6.40 -40.45 -6.80
C GLU A 130 -7.05 -39.22 -6.16
N TYR A 131 -6.26 -38.35 -5.53
CA TYR A 131 -6.81 -37.09 -4.92
C TYR A 131 -6.86 -35.89 -5.90
N GLU A 132 -6.48 -36.09 -7.15
CA GLU A 132 -6.66 -35.13 -8.24
C GLU A 132 -6.07 -33.71 -8.02
N PRO A 133 -4.76 -33.59 -7.75
CA PRO A 133 -4.17 -32.25 -7.64
C PRO A 133 -4.29 -31.53 -8.98
N ASP A 134 -4.53 -30.24 -8.97
CA ASP A 134 -4.66 -29.47 -10.23
C ASP A 134 -3.36 -29.41 -11.02
N PHE A 135 -2.24 -29.19 -10.31
CA PHE A 135 -0.91 -29.26 -10.90
C PHE A 135 0.02 -30.13 -10.00
N ILE A 136 1.00 -30.79 -10.65
CA ILE A 136 2.11 -31.45 -9.97
C ILE A 136 3.38 -30.73 -10.35
N ALA A 137 4.20 -30.31 -9.38
CA ALA A 137 5.51 -29.72 -9.67
C ALA A 137 6.61 -30.67 -9.23
N TYR A 138 7.43 -31.09 -10.17
CA TYR A 138 8.39 -32.17 -9.94
C TYR A 138 9.79 -31.66 -9.60
N GLU A 139 10.27 -31.97 -8.41
CA GLU A 139 11.64 -31.51 -7.95
C GLU A 139 12.55 -32.71 -7.56
N PRO A 140 13.01 -33.54 -8.53
CA PRO A 140 13.73 -34.78 -8.15
C PRO A 140 15.22 -34.53 -7.92
N ARG A 141 15.85 -35.30 -7.02
CA ARG A 141 17.30 -35.13 -6.73
C ARG A 141 18.19 -35.19 -7.98
N ASP A 142 17.86 -36.05 -8.95
CA ASP A 142 18.61 -36.16 -10.19
C ASP A 142 18.65 -34.90 -11.08
N LEU A 143 17.84 -33.88 -10.80
CA LEU A 143 17.87 -32.65 -11.58
C LEU A 143 18.39 -31.48 -10.75
N ILE A 144 18.88 -31.74 -9.55
CA ILE A 144 19.39 -30.71 -8.65
C ILE A 144 20.94 -30.78 -8.56
N GLY A 145 21.62 -29.70 -8.94
CA GLY A 145 23.10 -29.64 -9.00
C GLY A 145 23.62 -28.60 -10.01
N GLY A 146 24.82 -28.08 -9.78
CA GLY A 146 25.44 -27.09 -10.68
C GLY A 146 25.98 -27.73 -11.97
N ASP A 147 26.09 -29.04 -11.97
CA ASP A 147 26.57 -29.79 -13.11
C ASP A 147 25.41 -30.44 -13.89
N VAL A 148 24.15 -30.13 -13.56
CA VAL A 148 23.01 -30.86 -14.19
C VAL A 148 21.88 -29.93 -14.59
N SER A 149 21.18 -30.32 -15.64
CA SER A 149 19.99 -29.61 -16.12
C SER A 149 19.17 -30.54 -17.00
N VAL A 150 17.93 -30.14 -17.28
CA VAL A 150 17.06 -30.96 -18.11
C VAL A 150 17.69 -31.33 -19.46
N SER A 151 18.32 -30.37 -20.13
CA SER A 151 18.89 -30.58 -21.47
C SER A 151 20.07 -31.61 -21.46
N THR A 152 20.63 -31.94 -20.28
CA THR A 152 21.68 -32.95 -20.20
C THR A 152 21.26 -34.23 -19.46
N ALA A 153 20.05 -34.28 -18.90
CA ALA A 153 19.65 -35.44 -18.09
C ALA A 153 18.88 -36.46 -18.93
N LYS A 154 18.78 -37.67 -18.42
CA LYS A 154 18.03 -38.72 -19.10
C LYS A 154 16.55 -38.32 -19.20
N PRO A 155 15.93 -38.55 -20.36
CA PRO A 155 14.52 -38.19 -20.57
C PRO A 155 13.47 -38.94 -19.68
N GLU A 156 13.82 -40.15 -19.23
CA GLU A 156 12.92 -40.98 -18.42
C GLU A 156 12.48 -40.31 -17.12
N ILE A 157 13.34 -39.47 -16.57
CA ILE A 157 13.02 -38.70 -15.32
C ILE A 157 11.61 -38.01 -15.42
N ILE A 158 11.42 -37.23 -16.47
CA ILE A 158 10.12 -36.57 -16.71
C ILE A 158 9.06 -37.45 -17.34
N GLU A 159 9.48 -38.34 -18.27
CA GLU A 159 8.51 -39.17 -18.98
C GLU A 159 7.73 -40.06 -18.03
N ASP A 160 8.40 -40.62 -17.02
CA ASP A 160 7.66 -41.45 -16.03
C ASP A 160 6.49 -40.73 -15.31
N ILE A 161 6.66 -39.45 -14.96
CA ILE A 161 5.58 -38.72 -14.25
C ILE A 161 4.45 -38.28 -15.16
N VAL A 162 4.82 -37.85 -16.38
CA VAL A 162 3.82 -37.55 -17.41
C VAL A 162 2.92 -38.75 -17.68
N LYS A 163 3.57 -39.92 -17.79
CA LYS A 163 2.82 -41.21 -17.95
C LYS A 163 1.83 -41.51 -16.83
N ILE A 164 2.24 -41.34 -15.58
CA ILE A 164 1.31 -41.48 -14.44
C ILE A 164 0.03 -40.61 -14.53
N TYR A 165 0.15 -39.36 -14.99
CA TYR A 165 -0.98 -38.44 -15.09
C TYR A 165 -1.66 -38.33 -16.51
N GLU A 166 -1.22 -39.14 -17.47
CA GLU A 166 -1.83 -39.22 -18.82
C GLU A 166 -3.36 -39.42 -18.73
N GLY A 167 -4.11 -38.56 -19.39
CA GLY A 167 -5.57 -38.63 -19.41
C GLY A 167 -6.31 -38.05 -18.22
N THR A 168 -5.58 -37.57 -17.22
CA THR A 168 -6.23 -36.95 -16.06
C THR A 168 -6.36 -35.45 -16.33
N GLY A 169 -7.05 -34.74 -15.47
CA GLY A 169 -7.03 -33.28 -15.56
C GLY A 169 -5.78 -32.56 -15.01
N THR A 170 -4.77 -33.30 -14.54
CA THR A 170 -3.59 -32.71 -13.86
C THR A 170 -2.51 -32.27 -14.84
N SER A 171 -2.01 -31.02 -14.75
CA SER A 171 -0.83 -30.62 -15.54
C SER A 171 0.50 -30.78 -14.82
N VAL A 172 1.52 -31.30 -15.51
CA VAL A 172 2.84 -31.56 -14.90
C VAL A 172 3.82 -30.41 -15.22
N LEU A 173 4.40 -29.80 -14.17
CA LEU A 173 5.36 -28.74 -14.30
C LEU A 173 6.73 -29.27 -13.83
N VAL A 174 7.80 -28.76 -14.43
CA VAL A 174 9.20 -29.06 -14.01
C VAL A 174 9.76 -27.98 -13.09
N GLY A 175 10.12 -28.41 -11.87
CA GLY A 175 10.56 -27.51 -10.79
C GLY A 175 12.01 -27.64 -10.32
N ALA A 176 12.85 -28.30 -11.12
CA ALA A 176 14.32 -28.33 -10.89
C ALA A 176 15.04 -28.50 -12.23
N GLY A 177 16.29 -28.04 -12.33
CA GLY A 177 17.08 -28.21 -13.58
C GLY A 177 16.75 -27.28 -14.74
N ILE A 178 16.00 -26.21 -14.45
CA ILE A 178 15.64 -25.23 -15.44
C ILE A 178 16.62 -24.04 -15.34
N LYS A 179 17.56 -23.94 -16.26
CA LYS A 179 18.52 -22.82 -16.30
C LYS A 179 18.44 -21.95 -17.58
N THR A 180 18.01 -22.50 -18.71
CA THR A 180 17.95 -21.78 -20.00
C THR A 180 16.70 -22.13 -20.75
N GLY A 181 16.48 -21.41 -21.85
CA GLY A 181 15.39 -21.73 -22.77
C GLY A 181 15.39 -23.13 -23.37
N GLU A 182 16.59 -23.64 -23.62
CA GLU A 182 16.78 -25.00 -24.12
C GLU A 182 16.19 -26.01 -23.15
N ASP A 183 16.39 -25.80 -21.85
CA ASP A 183 15.79 -26.69 -20.81
C ASP A 183 14.26 -26.64 -20.83
N VAL A 184 13.68 -25.46 -21.06
CA VAL A 184 12.20 -25.34 -21.11
C VAL A 184 11.64 -26.05 -22.33
N ARG A 185 12.26 -25.83 -23.49
CA ARG A 185 11.78 -26.43 -24.74
C ARG A 185 11.87 -27.99 -24.68
N ARG A 186 12.94 -28.49 -24.11
CA ARG A 186 13.09 -29.97 -23.95
C ARG A 186 12.02 -30.55 -22.97
N SER A 187 11.72 -29.83 -21.88
CA SER A 187 10.63 -30.26 -20.98
C SER A 187 9.26 -30.36 -21.67
N ILE A 188 8.91 -29.35 -22.44
CA ILE A 188 7.65 -29.31 -23.16
C ILE A 188 7.69 -30.50 -24.20
N GLY A 189 8.83 -30.73 -24.85
CA GLY A 189 9.00 -31.87 -25.80
C GLY A 189 8.75 -33.24 -25.16
N LEU A 190 9.11 -33.36 -23.87
CA LEU A 190 8.81 -34.57 -23.08
C LEU A 190 7.43 -34.67 -22.46
N GLY A 191 6.52 -33.73 -22.72
CA GLY A 191 5.12 -33.82 -22.22
C GLY A 191 4.72 -32.92 -21.04
N ALA A 192 5.68 -32.20 -20.45
CA ALA A 192 5.36 -31.20 -19.40
C ALA A 192 4.57 -29.99 -19.97
N ARG A 193 3.82 -29.31 -19.09
CA ARG A 193 3.01 -28.17 -19.52
C ARG A 193 3.50 -26.82 -18.89
N GLY A 194 4.75 -26.79 -18.38
CA GLY A 194 5.33 -25.57 -17.79
C GLY A 194 6.42 -25.81 -16.75
N ILE A 195 6.69 -24.76 -15.97
CA ILE A 195 7.85 -24.65 -15.08
C ILE A 195 7.53 -23.92 -13.77
N LEU A 196 8.32 -24.25 -12.74
CA LEU A 196 8.33 -23.56 -11.47
C LEU A 196 9.79 -23.17 -11.23
N VAL A 197 10.06 -21.85 -11.16
CA VAL A 197 11.45 -21.31 -11.02
C VAL A 197 11.47 -20.25 -9.89
N ALA A 198 12.67 -19.76 -9.48
CA ALA A 198 12.81 -18.83 -8.35
C ALA A 198 14.01 -17.84 -8.49
N SER A 199 15.17 -18.16 -7.87
CA SER A 199 16.34 -17.26 -7.94
C SER A 199 16.83 -16.77 -9.31
N GLY A 200 16.78 -17.61 -10.35
CA GLY A 200 17.19 -17.24 -11.70
C GLY A 200 16.46 -16.04 -12.27
N VAL A 201 15.19 -15.84 -11.84
CA VAL A 201 14.43 -14.65 -12.19
C VAL A 201 14.47 -13.57 -11.08
N VAL A 202 14.24 -13.97 -9.83
CA VAL A 202 14.09 -13.01 -8.74
C VAL A 202 15.35 -12.20 -8.44
N LYS A 203 16.47 -12.87 -8.49
CA LYS A 203 17.80 -12.26 -8.17
C LYS A 203 18.49 -11.64 -9.35
N SER A 204 17.87 -11.63 -10.52
CA SER A 204 18.43 -11.04 -11.74
C SER A 204 18.52 -9.50 -11.73
N ALA A 205 19.56 -8.96 -12.37
CA ALA A 205 19.62 -7.52 -12.60
C ALA A 205 18.44 -6.99 -13.43
N ASP A 206 17.81 -7.84 -14.25
CA ASP A 206 16.63 -7.46 -15.06
C ASP A 206 15.62 -8.64 -15.09
N PRO A 207 14.76 -8.71 -14.06
CA PRO A 207 13.89 -9.92 -13.93
C PRO A 207 13.00 -10.19 -15.13
N THR A 208 12.40 -9.15 -15.69
CA THR A 208 11.54 -9.27 -16.89
C THR A 208 12.32 -10.00 -18.05
N LYS A 209 13.54 -9.52 -18.34
CA LYS A 209 14.35 -10.10 -19.42
C LYS A 209 14.77 -11.56 -19.14
N SER A 210 15.15 -11.87 -17.88
CA SER A 210 15.48 -13.23 -17.51
C SER A 210 14.31 -14.21 -17.74
N LEU A 211 13.11 -13.85 -17.30
CA LEU A 211 11.92 -14.72 -17.57
C LEU A 211 11.66 -14.87 -19.10
N ASN A 212 11.76 -13.77 -19.86
CA ASN A 212 11.56 -13.81 -21.33
C ASN A 212 12.53 -14.78 -22.05
N SER A 213 13.77 -14.84 -21.58
CA SER A 213 14.75 -15.78 -22.09
C SER A 213 14.38 -17.26 -21.86
N LEU A 214 13.73 -17.56 -20.72
CA LEU A 214 13.20 -18.89 -20.48
C LEU A 214 11.97 -19.27 -21.30
N ILE A 215 11.01 -18.38 -21.48
CA ILE A 215 9.71 -18.73 -22.11
C ILE A 215 9.54 -18.34 -23.62
N GLU A 216 10.60 -17.83 -24.25
CA GLU A 216 10.58 -17.72 -25.75
C GLU A 216 10.65 -19.14 -26.39
N LEU A 217 9.80 -19.44 -27.37
CA LEU A 217 9.74 -20.83 -27.91
C LEU A 217 10.40 -21.00 -29.29
N MET B 3 -10.94 21.02 22.75
CA MET B 3 -9.51 20.70 22.44
C MET B 3 -8.85 21.83 21.63
N TYR B 4 -7.53 21.89 21.63
CA TYR B 4 -6.77 22.66 20.65
C TYR B 4 -6.42 21.80 19.39
N THR B 5 -5.88 22.41 18.31
CA THR B 5 -5.55 21.67 17.04
C THR B 5 -4.10 21.91 16.64
N ALA B 6 -3.34 20.85 16.32
CA ALA B 6 -2.03 20.99 15.70
C ALA B 6 -2.04 20.32 14.29
N ILE B 7 -1.76 21.10 13.25
CA ILE B 7 -1.67 20.59 11.88
C ILE B 7 -0.19 20.52 11.47
N VAL B 8 0.24 19.35 11.01
CA VAL B 8 1.59 19.14 10.49
C VAL B 8 1.52 18.96 8.93
N ASN B 9 2.04 19.94 8.22
CA ASN B 9 2.08 19.97 6.76
C ASN B 9 3.33 19.27 6.20
N LEU B 10 3.15 18.13 5.49
CA LEU B 10 4.26 17.38 4.89
C LEU B 10 4.89 18.03 3.63
N LYS B 11 4.22 19.05 3.06
CA LYS B 11 4.60 19.69 1.79
C LYS B 11 5.03 18.67 0.72
N THR B 12 6.19 18.85 0.05
CA THR B 12 6.74 17.81 -0.82
C THR B 12 8.17 17.43 -0.37
N TYR B 13 8.35 17.33 0.93
CA TYR B 13 9.65 17.00 1.52
C TYR B 13 9.99 15.50 1.25
N ARG B 14 11.27 15.23 0.96
CA ARG B 14 11.70 13.83 0.74
C ARG B 14 11.39 12.86 1.90
N GLU B 15 11.47 13.31 3.15
CA GLU B 15 11.33 12.44 4.33
C GLU B 15 9.92 11.82 4.56
N ALA B 16 8.89 12.42 3.96
CA ALA B 16 7.49 11.98 4.22
C ALA B 16 6.61 11.92 2.94
N THR B 17 7.26 11.66 1.81
CA THR B 17 6.61 11.42 0.51
C THR B 17 6.95 10.04 -0.06
N GLY B 18 6.05 9.51 -0.90
CA GLY B 18 6.29 8.18 -1.55
C GLY B 18 6.52 7.04 -0.58
N ALA B 19 7.52 6.19 -0.84
CA ALA B 19 7.86 5.09 0.10
C ALA B 19 8.20 5.57 1.49
N ASN B 20 8.79 6.77 1.57
CA ASN B 20 9.08 7.37 2.88
C ASN B 20 7.83 7.81 3.68
N PHE B 21 6.71 8.12 3.00
CA PHE B 21 5.40 8.37 3.69
C PHE B 21 5.05 7.18 4.60
N THR B 22 5.12 5.96 4.04
CA THR B 22 4.76 4.74 4.77
C THR B 22 5.68 4.48 5.97
N ARG B 23 7.01 4.65 5.80
CA ARG B 23 7.95 4.52 6.92
C ARG B 23 7.75 5.58 8.01
N PHE B 24 7.56 6.83 7.60
CA PHE B 24 7.27 7.96 8.56
C PHE B 24 6.02 7.68 9.40
N MET B 25 4.92 7.30 8.74
CA MET B 25 3.66 7.04 9.51
C MET B 25 3.73 5.78 10.38
N GLU B 26 4.43 4.71 9.92
CA GLU B 26 4.64 3.50 10.77
C GLU B 26 5.26 3.85 12.11
N LYS B 27 6.29 4.70 12.10
CA LYS B 27 6.98 5.10 13.33
C LYS B 27 6.28 6.16 14.20
N PHE B 28 5.49 7.03 13.61
CA PHE B 28 4.93 8.15 14.37
C PHE B 28 3.84 7.63 15.35
N GLU B 29 3.88 8.11 16.59
CA GLU B 29 2.98 7.66 17.61
C GLU B 29 1.67 8.47 17.71
N PRO B 30 0.51 7.80 17.89
CA PRO B 30 -0.72 8.62 18.08
C PRO B 30 -0.66 9.54 19.32
N VAL B 31 -1.24 10.74 19.21
CA VAL B 31 -1.28 11.79 20.27
C VAL B 31 -2.49 11.63 21.25
N GLN B 32 -2.28 11.79 22.55
CA GLN B 32 -3.41 11.94 23.51
C GLN B 32 -3.34 13.28 24.31
N GLY B 33 -4.47 13.76 24.79
CA GLY B 33 -4.43 14.96 25.62
C GLY B 33 -5.24 16.05 25.00
N LYS B 34 -4.86 17.30 25.28
CA LYS B 34 -5.71 18.41 24.89
C LYS B 34 -5.62 18.79 23.39
N PHE B 35 -4.58 18.38 22.69
CA PHE B 35 -4.42 18.71 21.25
C PHE B 35 -4.85 17.53 20.34
N GLU B 36 -5.68 17.80 19.33
CA GLU B 36 -5.95 16.88 18.22
C GLU B 36 -4.88 17.09 17.10
N LEU B 37 -4.34 15.99 16.55
CA LEU B 37 -3.32 16.04 15.47
C LEU B 37 -4.00 15.81 14.11
N ILE B 38 -3.61 16.62 13.11
CA ILE B 38 -4.04 16.42 11.71
C ILE B 38 -2.81 16.50 10.83
N PHE B 39 -2.57 15.48 9.97
CA PHE B 39 -1.48 15.55 8.98
C PHE B 39 -2.04 16.01 7.62
N SER B 40 -1.23 16.72 6.83
CA SER B 40 -1.57 17.10 5.44
C SER B 40 -0.57 16.52 4.42
N PRO B 41 -0.89 15.35 3.81
CA PRO B 41 0.05 14.70 2.85
C PRO B 41 0.05 15.35 1.48
N SER B 42 1.05 15.07 0.66
CA SER B 42 1.09 15.55 -0.73
C SER B 42 -0.10 14.96 -1.54
N LEU B 43 -0.48 15.65 -2.59
CA LEU B 43 -1.60 15.21 -3.43
C LEU B 43 -1.35 13.79 -4.00
N LEU B 44 -0.10 13.49 -4.37
CA LEU B 44 0.20 12.20 -5.01
C LEU B 44 0.12 11.03 -3.97
N ASP B 45 0.29 11.36 -2.69
CA ASP B 45 0.13 10.36 -1.57
C ASP B 45 -1.32 10.30 -0.95
N LEU B 46 -2.25 11.14 -1.36
CA LEU B 46 -3.50 11.35 -0.57
C LEU B 46 -4.46 10.09 -0.50
N GLU B 47 -4.63 9.39 -1.63
CA GLU B 47 -5.45 8.17 -1.67
C GLU B 47 -4.89 7.08 -0.73
N LYS B 48 -3.58 6.88 -0.76
CA LYS B 48 -2.91 5.93 0.16
C LYS B 48 -3.07 6.33 1.63
N ALA B 49 -2.97 7.63 1.94
CA ALA B 49 -3.26 8.08 3.29
C ALA B 49 -4.70 7.77 3.75
N ALA B 50 -5.65 8.13 2.92
CA ALA B 50 -7.08 7.87 3.25
C ALA B 50 -7.35 6.36 3.55
N LYS B 51 -6.79 5.45 2.73
CA LYS B 51 -6.91 4.00 2.99
C LYS B 51 -6.13 3.52 4.24
N CYS B 52 -5.02 4.17 4.58
CA CYS B 52 -4.24 3.85 5.81
C CYS B 52 -5.05 4.17 7.06
N GLY B 53 -5.41 5.44 7.20
CA GLY B 53 -6.31 5.84 8.28
C GLY B 53 -5.75 5.84 9.72
N LYS B 54 -4.43 5.75 9.89
CA LYS B 54 -3.86 5.75 11.22
C LYS B 54 -4.09 7.12 11.96
N PHE B 55 -4.17 8.21 11.18
CA PHE B 55 -4.37 9.58 11.67
C PHE B 55 -5.43 10.25 10.84
N ARG B 56 -5.93 11.41 11.30
CA ARG B 56 -6.80 12.25 10.44
C ARG B 56 -5.99 13.00 9.41
N PHE B 57 -6.44 12.97 8.15
CA PHE B 57 -5.65 13.57 7.03
C PHE B 57 -6.50 14.60 6.26
N PHE B 58 -5.91 15.77 6.04
CA PHE B 58 -6.48 16.81 5.16
C PHE B 58 -5.59 17.01 3.95
N ALA B 59 -6.21 17.33 2.81
CA ALA B 59 -5.46 17.75 1.61
C ALA B 59 -4.67 19.05 1.78
N GLN B 60 -3.66 19.27 0.88
CA GLN B 60 -2.85 20.52 0.81
C GLN B 60 -3.46 21.68 -0.06
N HIS B 61 -4.45 21.33 -0.88
CA HIS B 61 -5.11 22.22 -1.84
C HIS B 61 -6.32 21.44 -2.39
N VAL B 62 -7.41 22.12 -2.69
CA VAL B 62 -8.61 21.49 -3.33
C VAL B 62 -9.22 22.42 -4.40
N ASP B 63 -9.78 21.84 -5.48
CA ASP B 63 -10.51 22.57 -6.51
C ASP B 63 -12.05 22.48 -6.28
N ALA B 64 -12.77 23.55 -6.66
CA ALA B 64 -14.25 23.60 -6.64
C ALA B 64 -14.99 22.90 -7.77
N GLU B 65 -14.31 22.60 -8.89
CA GLU B 65 -14.93 21.90 -10.02
C GLU B 65 -15.50 20.52 -9.60
N PRO B 66 -16.67 20.11 -10.16
CA PRO B 66 -17.24 18.76 -9.90
C PRO B 66 -16.49 17.66 -10.74
N TYR B 67 -16.94 16.38 -10.70
CA TYR B 67 -16.55 15.39 -11.74
C TYR B 67 -16.88 15.89 -13.17
N GLY B 68 -16.05 15.53 -14.15
CA GLY B 68 -16.27 15.93 -15.56
C GLY B 68 -14.96 16.14 -16.31
N ALA B 69 -15.04 17.02 -17.30
CA ALA B 69 -13.91 17.29 -18.23
C ALA B 69 -12.96 18.35 -17.68
N TYR B 70 -12.21 17.99 -16.64
CA TYR B 70 -11.27 18.92 -15.97
C TYR B 70 -9.83 18.34 -15.84
N THR B 71 -9.16 18.20 -16.99
CA THR B 71 -7.81 17.62 -17.09
C THR B 71 -6.93 18.30 -16.04
N GLY B 72 -6.20 17.50 -15.26
CA GLY B 72 -5.19 18.06 -14.30
C GLY B 72 -5.70 18.74 -13.02
N HIS B 73 -6.98 18.57 -12.71
CA HIS B 73 -7.62 19.08 -11.49
C HIS B 73 -7.77 18.00 -10.38
N VAL B 74 -8.03 18.50 -9.15
CA VAL B 74 -8.26 17.65 -7.97
C VAL B 74 -9.59 18.03 -7.28
N PRO B 75 -10.70 17.57 -7.85
CA PRO B 75 -12.04 17.97 -7.35
C PRO B 75 -12.41 17.57 -5.92
N MET B 76 -13.04 18.50 -5.18
CA MET B 76 -13.61 18.28 -3.88
C MET B 76 -14.49 17.00 -3.80
N ASP B 77 -15.34 16.79 -4.79
CA ASP B 77 -16.28 15.61 -4.77
C ASP B 77 -15.49 14.27 -4.86
N MET B 78 -14.36 14.26 -5.59
CA MET B 78 -13.50 13.05 -5.62
C MET B 78 -12.83 12.76 -4.27
N MET B 79 -12.35 13.83 -3.60
CA MET B 79 -11.84 13.70 -2.21
C MET B 79 -12.85 13.10 -1.21
N ILE B 80 -14.04 13.68 -1.16
CA ILE B 80 -15.11 13.19 -0.33
C ILE B 80 -15.37 11.68 -0.58
N ASP B 81 -15.46 11.28 -1.82
CA ASP B 81 -15.69 9.86 -2.16
C ASP B 81 -14.51 8.93 -1.71
N LEU B 82 -13.26 9.43 -1.65
CA LEU B 82 -12.09 8.67 -1.10
C LEU B 82 -12.05 8.58 0.42
N GLY B 83 -12.85 9.40 1.11
CA GLY B 83 -12.82 9.47 2.54
C GLY B 83 -12.10 10.67 3.15
N ILE B 84 -11.72 11.68 2.36
CA ILE B 84 -11.05 12.85 2.91
C ILE B 84 -12.07 13.93 3.21
N THR B 85 -12.02 14.53 4.41
CA THR B 85 -13.05 15.45 4.94
C THR B 85 -12.63 16.92 5.09
N GLY B 86 -11.42 17.27 4.66
CA GLY B 86 -10.98 18.67 4.69
C GLY B 86 -9.69 18.95 3.89
N SER B 87 -9.37 20.24 3.75
CA SER B 87 -8.16 20.71 3.02
C SER B 87 -7.67 22.08 3.51
N ILE B 88 -6.33 22.27 3.44
CA ILE B 88 -5.72 23.56 3.48
C ILE B 88 -6.02 24.31 2.16
N LEU B 89 -6.16 25.64 2.20
CA LEU B 89 -6.46 26.48 0.98
C LEU B 89 -5.73 27.86 1.05
N ASN B 90 -5.22 28.31 -0.10
CA ASN B 90 -4.49 29.60 -0.21
C ASN B 90 -3.19 29.69 0.60
N HIS B 91 -2.49 28.56 0.84
CA HIS B 91 -1.14 28.59 1.49
C HIS B 91 -0.21 29.56 0.74
N SER B 92 0.75 30.20 1.44
CA SER B 92 1.68 31.12 0.78
C SER B 92 2.38 30.51 -0.44
N GLU B 93 2.61 29.19 -0.46
CA GLU B 93 3.24 28.47 -1.62
C GLU B 93 2.26 28.11 -2.76
N ARG B 94 0.96 28.26 -2.51
CA ARG B 94 -0.12 27.88 -3.44
C ARG B 94 -1.29 28.95 -3.41
N ARG B 95 -0.92 30.23 -3.60
CA ARG B 95 -1.91 31.33 -3.52
C ARG B 95 -2.89 31.37 -4.72
N LEU B 96 -4.12 31.80 -4.47
CA LEU B 96 -5.22 31.75 -5.44
C LEU B 96 -5.92 33.13 -5.65
N PRO B 97 -6.53 33.37 -6.83
CA PRO B 97 -7.43 34.56 -6.99
C PRO B 97 -8.61 34.59 -6.00
N ARG B 98 -9.05 35.81 -5.58
CA ARG B 98 -10.11 35.91 -4.60
C ARG B 98 -11.43 35.29 -5.00
N ASP B 99 -11.84 35.41 -6.26
CA ASP B 99 -13.12 34.81 -6.65
C ASP B 99 -13.07 33.24 -6.60
N THR B 100 -11.91 32.69 -6.89
CA THR B 100 -11.74 31.21 -6.78
C THR B 100 -11.90 30.75 -5.30
N ILE B 101 -11.28 31.48 -4.38
CA ILE B 101 -11.42 31.19 -2.94
C ILE B 101 -12.90 31.23 -2.52
N ILE B 102 -13.60 32.29 -2.90
CA ILE B 102 -15.02 32.45 -2.51
C ILE B 102 -15.86 31.30 -3.00
N ASN B 103 -15.70 30.93 -4.28
N ASN B 103 -15.70 30.93 -4.28
CA ASN B 103 -16.43 29.79 -4.84
CA ASN B 103 -16.42 29.79 -4.86
C ASN B 103 -16.19 28.49 -4.08
C ASN B 103 -16.18 28.50 -4.08
N THR B 104 -14.92 28.24 -3.73
CA THR B 104 -14.53 27.08 -2.94
C THR B 104 -15.08 27.06 -1.49
N LEU B 105 -15.01 28.18 -0.76
CA LEU B 105 -15.63 28.27 0.59
C LEU B 105 -17.16 28.01 0.56
N LYS B 106 -17.84 28.54 -0.47
CA LYS B 106 -19.30 28.36 -0.58
C LYS B 106 -19.67 26.91 -0.82
N LYS B 107 -18.93 26.20 -1.70
CA LYS B 107 -19.21 24.80 -1.95
C LYS B 107 -18.90 23.92 -0.72
N ALA B 108 -17.80 24.21 -0.05
CA ALA B 108 -17.42 23.47 1.18
C ALA B 108 -18.49 23.58 2.27
N SER B 109 -19.02 24.78 2.47
CA SER B 109 -20.09 24.97 3.43
C SER B 109 -21.32 24.08 3.11
N LYS B 110 -21.72 24.03 1.86
CA LYS B 110 -22.83 23.18 1.40
C LYS B 110 -22.59 21.69 1.61
N LEU B 111 -21.35 21.23 1.44
CA LEU B 111 -21.04 19.81 1.54
C LEU B 111 -20.50 19.39 2.91
N ASP B 112 -20.49 20.28 3.89
CA ASP B 112 -19.89 19.99 5.19
C ASP B 112 -18.40 19.55 5.09
N PHE B 113 -17.62 20.17 4.20
CA PHE B 113 -16.20 19.83 4.01
C PHE B 113 -15.38 20.92 4.75
N THR B 114 -14.38 20.58 5.55
CA THR B 114 -13.63 21.55 6.40
C THR B 114 -12.51 22.29 5.63
N ILE B 115 -12.48 23.64 5.65
CA ILE B 115 -11.38 24.43 5.03
C ILE B 115 -10.52 25.12 6.09
N VAL B 116 -9.19 24.95 5.97
CA VAL B 116 -8.25 25.71 6.75
C VAL B 116 -7.73 26.78 5.81
N LEU B 117 -8.24 28.00 5.93
CA LEU B 117 -7.87 29.12 5.00
C LEU B 117 -6.65 29.90 5.53
N CYS B 118 -5.56 29.91 4.75
CA CYS B 118 -4.36 30.68 5.10
C CYS B 118 -4.49 32.16 4.64
N VAL B 119 -4.06 33.09 5.48
CA VAL B 119 -4.02 34.54 5.13
C VAL B 119 -2.74 35.18 5.67
N GLU B 120 -2.33 36.30 5.10
CA GLU B 120 -1.08 36.98 5.48
C GLU B 120 -1.23 38.34 6.24
N ASN B 121 -2.44 38.92 6.26
CA ASN B 121 -2.66 40.22 6.94
C ASN B 121 -4.11 40.45 7.33
N ALA B 122 -4.35 41.52 8.12
CA ALA B 122 -5.69 41.77 8.68
C ALA B 122 -6.76 42.16 7.66
N GLU B 123 -6.34 42.82 6.56
CA GLU B 123 -7.28 43.09 5.46
C GLU B 123 -7.80 41.77 4.81
N GLU B 124 -6.91 40.85 4.52
CA GLU B 124 -7.37 39.51 3.98
C GLU B 124 -8.32 38.78 4.97
N ALA B 125 -7.93 38.77 6.25
CA ALA B 125 -8.74 38.14 7.28
C ALA B 125 -10.17 38.71 7.35
N LYS B 126 -10.29 40.05 7.37
CA LYS B 126 -11.61 40.71 7.37
C LYS B 126 -12.40 40.45 6.07
N TYR B 127 -11.71 40.48 4.93
CA TYR B 127 -12.39 40.25 3.64
C TYR B 127 -13.14 38.92 3.60
N PHE B 128 -12.53 37.88 4.17
CA PHE B 128 -13.12 36.52 4.04
C PHE B 128 -14.04 36.18 5.20
N ARG B 129 -14.15 37.03 6.21
CA ARG B 129 -14.95 36.72 7.43
C ARG B 129 -16.40 36.29 7.13
N GLU B 130 -17.07 36.99 6.20
CA GLU B 130 -18.50 36.74 5.94
C GLU B 130 -18.74 35.38 5.29
N TYR B 131 -17.71 34.76 4.70
CA TYR B 131 -17.84 33.42 4.09
C TYR B 131 -17.57 32.26 5.08
N GLU B 132 -17.32 32.57 6.36
CA GLU B 132 -17.27 31.58 7.46
C GLU B 132 -16.28 30.38 7.27
N PRO B 133 -14.98 30.66 7.07
CA PRO B 133 -14.01 29.55 7.05
C PRO B 133 -13.98 28.81 8.41
N ASP B 134 -13.86 27.48 8.41
CA ASP B 134 -13.80 26.72 9.65
C ASP B 134 -12.58 27.05 10.52
N PHE B 135 -11.42 27.21 9.87
CA PHE B 135 -10.20 27.66 10.52
C PHE B 135 -9.55 28.79 9.66
N ILE B 136 -8.82 29.70 10.34
CA ILE B 136 -7.91 30.64 9.72
C ILE B 136 -6.52 30.29 10.20
N ALA B 137 -5.56 30.12 9.29
CA ALA B 137 -4.16 29.96 9.64
C ALA B 137 -3.37 31.20 9.25
N TYR B 138 -2.81 31.88 10.25
CA TYR B 138 -2.20 33.18 10.04
C TYR B 138 -0.71 33.10 9.79
N GLU B 139 -0.26 33.58 8.63
CA GLU B 139 1.19 33.56 8.28
C GLU B 139 1.68 34.99 7.90
N PRO B 140 1.77 35.94 8.87
CA PRO B 140 2.20 37.30 8.54
C PRO B 140 3.73 37.49 8.42
N ARG B 141 4.16 38.41 7.55
CA ARG B 141 5.57 38.72 7.33
C ARG B 141 6.33 39.04 8.61
N ASP B 142 5.69 39.76 9.54
CA ASP B 142 6.31 40.10 10.84
C ASP B 142 6.70 38.92 11.75
N LEU B 143 6.23 37.71 11.46
CA LEU B 143 6.57 36.54 12.28
C LEU B 143 7.50 35.60 11.53
N ILE B 144 7.98 36.00 10.36
CA ILE B 144 8.83 35.16 9.50
C ILE B 144 10.26 35.73 9.48
N GLY B 145 11.20 34.91 9.93
CA GLY B 145 12.62 35.31 10.06
C GLY B 145 13.35 34.48 11.11
N GLY B 146 14.65 34.32 10.93
CA GLY B 146 15.47 33.52 11.85
C GLY B 146 15.69 34.23 13.17
N ASP B 147 15.40 35.53 13.20
CA ASP B 147 15.59 36.31 14.41
C ASP B 147 14.25 36.70 15.05
N VAL B 148 13.16 36.05 14.65
CA VAL B 148 11.84 36.40 15.19
C VAL B 148 11.02 35.15 15.53
N SER B 149 10.16 35.31 16.54
CA SER B 149 9.22 34.27 16.94
C SER B 149 8.09 34.89 17.73
N VAL B 150 7.02 34.12 17.93
CA VAL B 150 5.90 34.64 18.73
C VAL B 150 6.32 35.19 20.11
N SER B 151 7.19 34.46 20.82
CA SER B 151 7.55 34.81 22.21
C SER B 151 8.36 36.15 22.26
N THR B 152 8.86 36.63 21.12
CA THR B 152 9.57 37.92 21.10
C THR B 152 8.84 39.04 20.32
N ALA B 153 7.72 38.75 19.66
CA ALA B 153 7.06 39.73 18.81
C ALA B 153 5.99 40.48 19.59
N LYS B 154 5.54 41.60 19.05
CA LYS B 154 4.43 42.34 19.65
C LYS B 154 3.15 41.50 19.67
N PRO B 155 2.41 41.54 20.79
CA PRO B 155 1.18 40.77 20.92
C PRO B 155 0.00 41.17 19.99
N GLU B 156 -0.02 42.43 19.53
CA GLU B 156 -1.08 42.96 18.64
C GLU B 156 -1.22 42.18 17.32
N ILE B 157 -0.11 41.62 16.85
CA ILE B 157 -0.08 40.81 15.59
C ILE B 157 -1.18 39.73 15.62
N ILE B 158 -1.18 38.90 16.66
CA ILE B 158 -2.23 37.89 16.83
C ILE B 158 -3.56 38.43 17.37
N GLU B 159 -3.50 39.39 18.30
CA GLU B 159 -4.73 39.91 18.95
C GLU B 159 -5.67 40.53 17.94
N ASP B 160 -5.14 41.25 16.94
CA ASP B 160 -6.01 41.83 15.89
C ASP B 160 -6.86 40.80 15.15
N ILE B 161 -6.29 39.62 14.82
CA ILE B 161 -7.04 38.62 14.07
C ILE B 161 -8.06 37.90 14.93
N VAL B 162 -7.67 37.60 16.18
CA VAL B 162 -8.59 36.99 17.15
C VAL B 162 -9.82 37.87 17.35
N LYS B 163 -9.58 39.17 17.48
CA LYS B 163 -10.67 40.17 17.55
C LYS B 163 -11.63 40.13 16.36
N ILE B 164 -11.10 40.08 15.13
CA ILE B 164 -11.95 39.98 13.92
C ILE B 164 -12.91 38.77 13.94
N TYR B 165 -12.46 37.61 14.43
CA TYR B 165 -13.29 36.42 14.52
C TYR B 165 -14.00 36.12 15.87
N GLU B 166 -13.89 37.03 16.84
CA GLU B 166 -14.56 36.91 18.16
C GLU B 166 -16.06 36.64 17.98
N GLY B 167 -16.57 35.60 18.62
CA GLY B 167 -17.98 35.24 18.51
C GLY B 167 -18.44 34.52 17.25
N THR B 168 -17.53 34.24 16.32
CA THR B 168 -17.90 33.44 15.16
C THR B 168 -17.58 31.97 15.48
N GLY B 169 -17.95 31.07 14.60
CA GLY B 169 -17.51 29.67 14.74
C GLY B 169 -16.07 29.36 14.29
N THR B 170 -15.29 30.37 13.85
CA THR B 170 -13.97 30.16 13.26
C THR B 170 -12.86 30.08 14.30
N SER B 171 -12.01 29.05 14.27
CA SER B 171 -10.84 28.99 15.14
C SER B 171 -9.57 29.51 14.48
N VAL B 172 -8.78 30.27 15.21
CA VAL B 172 -7.57 30.91 14.69
C VAL B 172 -6.33 30.13 15.08
N LEU B 173 -5.51 29.76 14.07
CA LEU B 173 -4.27 28.99 14.28
C LEU B 173 -3.11 29.89 13.89
N VAL B 174 -1.99 29.75 14.58
CA VAL B 174 -0.73 30.42 14.23
C VAL B 174 0.15 29.57 13.32
N GLY B 175 0.45 30.10 12.14
CA GLY B 175 1.23 29.40 11.10
C GLY B 175 2.62 29.96 10.72
N ALA B 176 3.15 30.87 11.53
CA ALA B 176 4.54 31.37 11.41
C ALA B 176 5.07 31.73 12.79
N GLY B 177 6.39 31.67 12.98
CA GLY B 177 7.02 32.05 14.26
C GLY B 177 6.91 31.05 15.42
N ILE B 178 6.55 29.79 15.09
CA ILE B 178 6.45 28.72 16.08
C ILE B 178 7.73 27.87 16.05
N LYS B 179 8.61 28.08 17.03
CA LYS B 179 9.87 27.33 17.12
C LYS B 179 9.97 26.46 18.38
N THR B 180 9.31 26.84 19.48
CA THR B 180 9.42 26.15 20.77
C THR B 180 8.07 26.08 21.45
N GLY B 181 8.01 25.32 22.55
CA GLY B 181 6.82 25.25 23.39
C GLY B 181 6.37 26.57 24.00
N GLU B 182 7.33 27.43 24.30
CA GLU B 182 7.05 28.79 24.79
C GLU B 182 6.22 29.60 23.76
N ASP B 183 6.58 29.48 22.46
CA ASP B 183 5.82 30.14 21.39
C ASP B 183 4.37 29.63 21.32
N VAL B 184 4.17 28.33 21.53
CA VAL B 184 2.82 27.74 21.49
C VAL B 184 1.97 28.23 22.70
N ARG B 185 2.56 28.19 23.89
CA ARG B 185 1.84 28.66 25.11
C ARG B 185 1.43 30.16 25.03
N ARG B 186 2.33 30.98 24.50
CA ARG B 186 2.05 32.42 24.34
C ARG B 186 0.90 32.65 23.32
N SER B 187 0.90 31.90 22.21
CA SER B 187 -0.17 32.00 21.24
C SER B 187 -1.54 31.69 21.84
N ILE B 188 -1.60 30.59 22.61
CA ILE B 188 -2.84 30.19 23.27
C ILE B 188 -3.26 31.31 24.27
N GLY B 189 -2.28 31.86 24.99
CA GLY B 189 -2.53 33.00 25.95
C GLY B 189 -3.15 34.21 25.26
N LEU B 190 -2.78 34.44 24.00
CA LEU B 190 -3.36 35.53 23.17
C LEU B 190 -4.66 35.24 22.48
N GLY B 191 -5.25 34.05 22.68
CA GLY B 191 -6.56 33.75 22.07
C GLY B 191 -6.57 32.77 20.89
N ALA B 192 -5.41 32.36 20.39
CA ALA B 192 -5.36 31.30 19.34
C ALA B 192 -5.79 29.90 19.88
N ARG B 193 -6.27 29.02 18.98
CA ARG B 193 -6.69 27.69 19.34
C ARG B 193 -5.77 26.55 18.78
N GLY B 194 -4.56 26.87 18.36
CA GLY B 194 -3.60 25.90 17.81
C GLY B 194 -2.60 26.47 16.80
N ILE B 195 -1.93 25.56 16.05
CA ILE B 195 -0.77 25.84 15.25
C ILE B 195 -0.76 25.05 13.92
N LEU B 196 -0.02 25.58 12.94
CA LEU B 196 0.28 24.92 11.67
C LEU B 196 1.80 24.98 11.49
N VAL B 197 2.45 23.81 11.47
CA VAL B 197 3.90 23.67 11.42
C VAL B 197 4.30 22.67 10.33
N ALA B 198 5.61 22.58 10.02
CA ALA B 198 6.11 21.76 8.92
C ALA B 198 7.55 21.22 9.16
N SER B 199 8.58 21.86 8.60
CA SER B 199 9.98 21.32 8.69
C SER B 199 10.54 21.01 10.08
N GLY B 200 10.19 21.82 11.08
CA GLY B 200 10.62 21.57 12.47
C GLY B 200 10.25 20.18 13.00
N VAL B 201 9.14 19.63 12.53
CA VAL B 201 8.72 18.25 12.87
C VAL B 201 9.13 17.24 11.78
N VAL B 202 8.86 17.56 10.52
CA VAL B 202 9.09 16.58 9.41
C VAL B 202 10.57 16.20 9.21
N LYS B 203 11.44 17.20 9.32
CA LYS B 203 12.87 17.01 9.08
C LYS B 203 13.68 16.62 10.32
N SER B 204 13.01 16.39 11.45
CA SER B 204 13.65 15.98 12.68
C SER B 204 14.22 14.56 12.66
N ALA B 205 15.31 14.33 13.40
CA ALA B 205 15.79 12.96 13.68
C ALA B 205 14.78 12.12 14.45
N ASP B 206 13.88 12.74 15.21
CA ASP B 206 12.78 12.03 15.90
C ASP B 206 11.49 12.93 15.83
N PRO B 207 10.70 12.74 14.76
CA PRO B 207 9.50 13.58 14.60
C PRO B 207 8.52 13.57 15.77
N THR B 208 8.23 12.40 16.34
CA THR B 208 7.30 12.26 17.46
C THR B 208 7.75 13.19 18.65
N LYS B 209 9.03 13.13 18.99
CA LYS B 209 9.59 13.92 20.11
C LYS B 209 9.55 15.44 19.87
N SER B 210 9.88 15.84 18.64
CA SER B 210 9.82 17.25 18.25
C SER B 210 8.41 17.84 18.35
N LEU B 211 7.41 17.11 17.87
CA LEU B 211 6.01 17.57 18.07
C LEU B 211 5.64 17.64 19.58
N ASN B 212 6.00 16.63 20.34
CA ASN B 212 5.67 16.60 21.80
C ASN B 212 6.25 17.81 22.56
N SER B 213 7.41 18.24 22.15
CA SER B 213 8.05 19.39 22.74
C SER B 213 7.26 20.70 22.45
N LEU B 214 6.62 20.79 21.28
CA LEU B 214 5.75 21.92 20.98
C LEU B 214 4.44 21.91 21.76
N ILE B 215 3.79 20.77 21.89
CA ILE B 215 2.41 20.72 22.45
C ILE B 215 2.29 20.32 23.95
N GLU B 216 3.40 20.14 24.64
CA GLU B 216 3.34 20.03 26.14
C GLU B 216 2.93 21.41 26.77
N LEU B 217 1.97 21.42 27.71
CA LEU B 217 1.44 22.70 28.24
C LEU B 217 1.91 23.06 29.66
N MET C 3 6.27 2.25 -34.29
CA MET C 3 4.83 2.13 -33.92
C MET C 3 4.12 3.51 -33.93
N TYR C 4 2.82 3.52 -34.09
CA TYR C 4 2.00 4.74 -33.87
C TYR C 4 1.67 4.84 -32.34
N THR C 5 1.12 5.96 -31.89
CA THR C 5 0.78 6.15 -30.45
C THR C 5 -0.70 6.55 -30.27
N ALA C 6 -1.44 5.86 -29.39
CA ALA C 6 -2.79 6.32 -29.02
C ALA C 6 -2.84 6.60 -27.49
N ILE C 7 -3.19 7.83 -27.12
CA ILE C 7 -3.36 8.23 -25.69
C ILE C 7 -4.85 8.43 -25.34
N VAL C 8 -5.33 7.76 -24.29
CA VAL C 8 -6.74 7.91 -23.77
C VAL C 8 -6.71 8.70 -22.46
N ASN C 9 -7.20 9.95 -22.50
CA ASN C 9 -7.25 10.87 -21.33
C ASN C 9 -8.53 10.62 -20.48
N LEU C 10 -8.36 10.13 -19.24
CA LEU C 10 -9.47 9.87 -18.35
C LEU C 10 -10.09 11.13 -17.68
N LYS C 11 -9.39 12.26 -17.83
CA LYS C 11 -9.76 13.55 -17.21
C LYS C 11 -10.19 13.34 -15.75
N THR C 12 -11.30 13.94 -15.32
CA THR C 12 -11.90 13.64 -13.99
C THR C 12 -13.32 13.07 -14.16
N TYR C 13 -13.51 12.18 -15.16
CA TYR C 13 -14.84 11.62 -15.45
C TYR C 13 -15.20 10.61 -14.37
N ARG C 14 -16.47 10.63 -13.95
CA ARG C 14 -16.93 9.74 -12.88
C ARG C 14 -16.74 8.22 -13.20
N GLU C 15 -16.85 7.83 -14.49
CA GLU C 15 -16.75 6.41 -14.92
C GLU C 15 -15.35 5.77 -14.75
N ALA C 16 -14.33 6.60 -14.69
CA ALA C 16 -12.92 6.15 -14.79
C ALA C 16 -11.96 6.75 -13.73
N THR C 17 -12.48 7.27 -12.63
CA THR C 17 -11.73 7.88 -11.49
C THR C 17 -12.12 7.29 -10.10
N GLY C 18 -11.23 7.44 -9.09
CA GLY C 18 -11.50 6.89 -7.74
C GLY C 18 -11.75 5.41 -7.65
N ALA C 19 -12.81 5.00 -6.91
CA ALA C 19 -13.18 3.57 -6.84
C ALA C 19 -13.51 2.93 -8.20
N ASN C 20 -13.95 3.76 -9.15
CA ASN C 20 -14.22 3.29 -10.50
C ASN C 20 -12.99 3.09 -11.41
N PHE C 21 -11.83 3.66 -11.03
CA PHE C 21 -10.61 3.43 -11.85
C PHE C 21 -10.30 1.97 -12.15
N THR C 22 -10.21 1.15 -11.12
CA THR C 22 -9.92 -0.26 -11.33
C THR C 22 -10.95 -0.98 -12.20
N ARG C 23 -12.25 -0.74 -11.95
CA ARG C 23 -13.32 -1.35 -12.79
C ARG C 23 -13.23 -0.95 -14.27
N PHE C 24 -13.02 0.34 -14.51
CA PHE C 24 -12.83 0.80 -15.87
C PHE C 24 -11.66 0.10 -16.57
N MET C 25 -10.49 0.08 -15.91
CA MET C 25 -9.31 -0.48 -16.56
C MET C 25 -9.46 -2.00 -16.85
N GLU C 26 -10.23 -2.74 -16.06
CA GLU C 26 -10.52 -4.19 -16.33
C GLU C 26 -11.15 -4.47 -17.71
N LYS C 27 -11.78 -3.46 -18.30
CA LYS C 27 -12.37 -3.58 -19.63
C LYS C 27 -11.35 -3.78 -20.75
N PHE C 28 -10.07 -3.44 -20.50
CA PHE C 28 -9.01 -3.47 -21.55
C PHE C 28 -7.94 -4.56 -21.28
N GLU C 29 -7.29 -5.10 -22.33
CA GLU C 29 -6.14 -6.02 -22.16
C GLU C 29 -4.92 -5.55 -22.98
N PRO C 30 -3.68 -5.68 -22.43
CA PRO C 30 -2.56 -5.17 -23.24
C PRO C 30 -2.51 -5.82 -24.62
N VAL C 31 -2.24 -4.98 -25.62
CA VAL C 31 -2.37 -5.24 -27.05
C VAL C 31 -0.92 -5.31 -27.55
N GLN C 32 -0.59 -6.30 -28.34
CA GLN C 32 0.67 -6.31 -29.08
C GLN C 32 0.30 -6.02 -30.53
N GLY C 33 0.87 -4.98 -31.13
CA GLY C 33 0.39 -4.49 -32.44
C GLY C 33 1.07 -3.22 -32.90
N LYS C 34 0.49 -2.56 -33.91
CA LYS C 34 1.12 -1.36 -34.48
C LYS C 34 0.97 -0.05 -33.65
N PHE C 35 -0.09 0.04 -32.84
CA PHE C 35 -0.26 1.18 -31.90
C PHE C 35 0.24 0.79 -30.50
N GLU C 36 1.04 1.66 -29.87
CA GLU C 36 1.28 1.62 -28.43
C GLU C 36 0.13 2.41 -27.74
N LEU C 37 -0.48 1.80 -26.70
CA LEU C 37 -1.58 2.40 -25.97
C LEU C 37 -1.10 2.95 -24.61
N ILE C 38 -1.39 4.20 -24.33
CA ILE C 38 -0.99 4.89 -23.09
C ILE C 38 -2.27 5.47 -22.48
N PHE C 39 -2.52 5.25 -21.17
CA PHE C 39 -3.62 5.89 -20.48
C PHE C 39 -3.12 7.04 -19.57
N SER C 40 -3.97 8.08 -19.40
CA SER C 40 -3.67 9.23 -18.52
C SER C 40 -4.68 9.38 -17.38
N PRO C 41 -4.37 8.79 -16.21
CA PRO C 41 -5.31 8.78 -15.06
C PRO C 41 -5.27 10.14 -14.34
N SER C 42 -6.31 10.42 -13.53
CA SER C 42 -6.31 11.64 -12.71
C SER C 42 -5.10 11.67 -11.72
N LEU C 43 -4.72 12.86 -11.26
CA LEU C 43 -3.60 13.03 -10.32
C LEU C 43 -3.83 12.22 -9.01
N LEU C 44 -5.06 12.16 -8.52
CA LEU C 44 -5.32 11.39 -7.29
C LEU C 44 -5.22 9.87 -7.47
N ASP C 45 -5.36 9.39 -8.72
CA ASP C 45 -5.28 7.95 -9.03
C ASP C 45 -3.87 7.51 -9.54
N LEU C 46 -2.93 8.45 -9.68
CA LEU C 46 -1.68 8.15 -10.42
C LEU C 46 -0.77 7.11 -9.73
N GLU C 47 -0.63 7.19 -8.40
CA GLU C 47 0.23 6.23 -7.62
C GLU C 47 -0.30 4.79 -7.75
N LYS C 48 -1.60 4.64 -7.62
CA LYS C 48 -2.22 3.34 -7.83
C LYS C 48 -2.03 2.79 -9.27
N ALA C 49 -2.13 3.63 -10.28
CA ALA C 49 -1.88 3.20 -11.65
C ALA C 49 -0.40 2.75 -11.84
N ALA C 50 0.55 3.54 -11.36
CA ALA C 50 1.99 3.23 -11.44
C ALA C 50 2.43 1.91 -10.78
N LYS C 51 1.95 1.67 -9.57
CA LYS C 51 2.31 0.47 -8.80
C LYS C 51 1.63 -0.82 -9.27
N CYS C 52 0.38 -0.73 -9.67
CA CYS C 52 -0.46 -1.92 -9.88
C CYS C 52 -1.23 -2.04 -11.20
N GLY C 53 -1.21 -1.02 -12.07
CA GLY C 53 -1.80 -1.10 -13.41
C GLY C 53 -0.99 -1.87 -14.44
N LYS C 54 -1.68 -2.29 -15.51
CA LYS C 54 -1.12 -3.21 -16.54
C LYS C 54 -0.64 -2.56 -17.82
N PHE C 55 -0.72 -1.22 -17.93
CA PHE C 55 -0.36 -0.45 -19.12
C PHE C 55 0.75 0.56 -18.77
N ARG C 56 1.30 1.22 -19.80
CA ARG C 56 2.02 2.47 -19.61
C ARG C 56 1.07 3.65 -19.26
N PHE C 57 1.43 4.47 -18.26
CA PHE C 57 0.61 5.60 -17.78
C PHE C 57 1.40 6.93 -17.83
N PHE C 58 0.77 7.98 -18.35
CA PHE C 58 1.27 9.36 -18.28
C PHE C 58 0.38 10.23 -17.40
N ALA C 59 0.97 11.15 -16.67
CA ALA C 59 0.19 12.17 -15.90
C ALA C 59 -0.57 13.14 -16.81
N GLN C 60 -1.57 13.83 -16.23
CA GLN C 60 -2.41 14.84 -16.89
C GLN C 60 -1.77 16.30 -16.83
N HIS C 61 -0.80 16.49 -15.94
CA HIS C 61 -0.13 17.78 -15.67
C HIS C 61 1.04 17.48 -14.77
N VAL C 62 2.12 18.24 -14.90
CA VAL C 62 3.31 18.07 -14.08
C VAL C 62 3.96 19.45 -13.73
N ASP C 63 4.51 19.57 -12.52
CA ASP C 63 5.28 20.78 -12.10
C ASP C 63 6.81 20.57 -12.19
N ALA C 64 7.55 21.66 -12.51
CA ALA C 64 9.04 21.67 -12.62
C ALA C 64 9.78 21.76 -11.31
N GLU C 65 9.10 22.17 -10.24
CA GLU C 65 9.72 22.28 -8.92
C GLU C 65 10.28 20.94 -8.44
N PRO C 66 11.42 20.96 -7.72
CA PRO C 66 11.99 19.71 -7.13
C PRO C 66 11.26 19.30 -5.84
N TYR C 67 11.70 18.25 -5.16
CA TYR C 67 11.30 18.02 -3.75
C TYR C 67 11.66 19.27 -2.89
N GLY C 68 10.85 19.56 -1.88
CA GLY C 68 11.03 20.69 -0.96
C GLY C 68 9.73 21.33 -0.46
N ALA C 69 9.80 22.62 -0.19
CA ALA C 69 8.71 23.40 0.41
C ALA C 69 7.71 23.91 -0.68
N TYR C 70 6.94 22.96 -1.27
CA TYR C 70 6.01 23.32 -2.38
C TYR C 70 4.60 22.75 -2.13
N THR C 71 3.93 23.30 -1.11
CA THR C 71 2.56 22.89 -0.75
C THR C 71 1.68 22.83 -1.96
N GLY C 72 0.93 21.73 -2.11
CA GLY C 72 -0.04 21.63 -3.21
C GLY C 72 0.45 21.44 -4.64
N HIS C 73 1.76 21.14 -4.80
CA HIS C 73 2.38 20.84 -6.06
C HIS C 73 2.50 19.32 -6.34
N VAL C 74 2.77 19.00 -7.61
CA VAL C 74 3.03 17.62 -8.10
C VAL C 74 4.36 17.53 -8.88
N PRO C 75 5.50 17.42 -8.16
CA PRO C 75 6.83 17.52 -8.77
C PRO C 75 7.23 16.36 -9.72
N MET C 76 7.86 16.71 -10.84
CA MET C 76 8.40 15.76 -11.81
C MET C 76 9.28 14.68 -11.17
N ASP C 77 10.15 15.08 -10.23
CA ASP C 77 11.06 14.11 -9.57
C ASP C 77 10.27 13.05 -8.75
N MET C 78 9.17 13.47 -8.16
CA MET C 78 8.32 12.54 -7.41
C MET C 78 7.62 11.51 -8.33
N MET C 79 7.11 11.99 -9.46
CA MET C 79 6.54 11.10 -10.50
C MET C 79 7.56 10.03 -10.96
N ILE C 80 8.77 10.47 -11.30
CA ILE C 80 9.82 9.54 -11.71
C ILE C 80 10.02 8.43 -10.63
N ASP C 81 10.13 8.81 -9.36
CA ASP C 81 10.32 7.83 -8.26
C ASP C 81 9.14 6.87 -8.07
N LEU C 82 7.92 7.29 -8.40
CA LEU C 82 6.78 6.37 -8.37
C LEU C 82 6.74 5.37 -9.55
N GLY C 83 7.42 5.65 -10.65
CA GLY C 83 7.36 4.85 -11.85
C GLY C 83 6.63 5.46 -13.03
N ILE C 84 6.34 6.75 -12.99
CA ILE C 84 5.72 7.41 -14.13
C ILE C 84 6.85 8.11 -14.98
N THR C 85 6.79 7.91 -16.32
CA THR C 85 7.83 8.37 -17.28
C THR C 85 7.43 9.49 -18.23
N GLY C 86 6.21 10.02 -18.10
CA GLY C 86 5.76 11.12 -18.96
C GLY C 86 4.50 11.82 -18.47
N SER C 87 4.16 12.94 -19.12
CA SER C 87 2.95 13.74 -18.79
C SER C 87 2.48 14.55 -20.00
N ILE C 88 1.18 14.75 -20.05
CA ILE C 88 0.54 15.79 -20.81
C ILE C 88 0.79 17.15 -20.17
N LEU C 89 0.90 18.21 -20.99
CA LEU C 89 1.18 19.60 -20.51
C LEU C 89 0.45 20.67 -21.36
N ASN C 90 -0.08 21.70 -20.70
CA ASN C 90 -0.79 22.80 -21.37
C ASN C 90 -2.10 22.40 -22.11
N HIS C 91 -2.77 21.34 -21.65
CA HIS C 91 -4.10 20.97 -22.19
C HIS C 91 -5.04 22.20 -22.16
N SER C 92 -6.00 22.26 -23.09
CA SER C 92 -6.93 23.38 -23.13
C SER C 92 -7.66 23.62 -21.78
N GLU C 93 -7.90 22.56 -20.99
CA GLU C 93 -8.50 22.69 -19.63
C GLU C 93 -7.50 23.05 -18.49
N ARG C 94 -6.21 23.09 -18.78
CA ARG C 94 -5.14 23.31 -17.81
C ARG C 94 -3.98 24.12 -18.44
N ARG C 95 -4.34 25.26 -19.05
CA ARG C 95 -3.33 26.10 -19.76
C ARG C 95 -2.36 26.79 -18.78
N LEU C 96 -1.13 27.01 -19.22
CA LEU C 96 -0.04 27.57 -18.38
C LEU C 96 0.67 28.81 -19.02
N PRO C 97 1.30 29.69 -18.21
CA PRO C 97 2.13 30.77 -18.78
C PRO C 97 3.28 30.22 -19.63
N ARG C 98 3.72 30.97 -20.65
CA ARG C 98 4.81 30.52 -21.51
C ARG C 98 6.12 30.26 -20.82
N ASP C 99 6.52 31.09 -19.85
CA ASP C 99 7.82 30.86 -19.19
C ASP C 99 7.77 29.57 -18.30
N THR C 100 6.60 29.26 -17.75
CA THR C 100 6.42 27.98 -16.98
C THR C 100 6.60 26.76 -17.91
N ILE C 101 5.99 26.83 -19.10
CA ILE C 101 6.14 25.77 -20.11
C ILE C 101 7.61 25.56 -20.53
N ILE C 102 8.33 26.66 -20.81
CA ILE C 102 9.77 26.58 -21.16
C ILE C 102 10.60 25.93 -20.05
N ASN C 103 10.41 26.37 -18.81
N ASN C 103 10.41 26.36 -18.81
CA ASN C 103 11.14 25.75 -17.67
CA ASN C 103 11.13 25.75 -17.69
C ASN C 103 10.92 24.25 -17.52
C ASN C 103 10.92 24.24 -17.53
N THR C 104 9.66 23.84 -17.66
CA THR C 104 9.30 22.40 -17.59
C THR C 104 9.86 21.55 -18.77
N LEU C 105 9.80 22.06 -20.01
CA LEU C 105 10.42 21.38 -21.16
C LEU C 105 11.96 21.20 -20.97
N LYS C 106 12.62 22.21 -20.39
CA LYS C 106 14.07 22.12 -20.19
C LYS C 106 14.44 21.08 -19.16
N LYS C 107 13.71 21.04 -18.05
CA LYS C 107 13.98 20.02 -17.06
C LYS C 107 13.70 18.58 -17.59
N ALA C 108 12.61 18.43 -18.33
CA ALA C 108 12.23 17.11 -18.87
C ALA C 108 13.31 16.57 -19.81
N SER C 109 13.84 17.45 -20.65
CA SER C 109 14.93 17.06 -21.51
C SER C 109 16.14 16.49 -20.72
N LYS C 110 16.51 17.18 -19.66
CA LYS C 110 17.62 16.74 -18.79
C LYS C 110 17.38 15.41 -18.08
N LEU C 111 16.13 15.15 -17.66
CA LEU C 111 15.79 13.91 -16.94
C LEU C 111 15.23 12.78 -17.81
N ASP C 112 15.24 12.93 -19.12
CA ASP C 112 14.72 11.91 -19.99
C ASP C 112 13.21 11.58 -19.70
N PHE C 113 12.42 12.59 -19.39
CA PHE C 113 11.00 12.42 -19.07
C PHE C 113 10.23 12.91 -20.30
N THR C 114 9.20 12.18 -20.75
CA THR C 114 8.47 12.51 -21.99
C THR C 114 7.35 13.56 -21.79
N ILE C 115 7.34 14.65 -22.58
CA ILE C 115 6.25 15.62 -22.54
C ILE C 115 5.39 15.53 -23.82
N VAL C 116 4.07 15.48 -23.65
CA VAL C 116 3.11 15.62 -24.72
C VAL C 116 2.55 17.04 -24.60
N LEU C 117 3.08 17.98 -25.42
CA LEU C 117 2.67 19.41 -25.31
C LEU C 117 1.47 19.70 -26.17
N CYS C 118 0.36 20.12 -25.55
CA CYS C 118 -0.83 20.53 -26.30
C CYS C 118 -0.66 21.98 -26.79
N VAL C 119 -1.04 22.23 -28.06
CA VAL C 119 -1.13 23.61 -28.62
C VAL C 119 -2.42 23.77 -29.44
N GLU C 120 -2.87 25.02 -29.62
CA GLU C 120 -4.14 25.33 -30.34
C GLU C 120 -3.96 25.96 -31.75
N ASN C 121 -2.76 26.41 -32.10
CA ASN C 121 -2.53 27.02 -33.46
C ASN C 121 -1.05 26.98 -33.91
N ALA C 122 -0.79 27.38 -35.15
CA ALA C 122 0.56 27.28 -35.73
C ALA C 122 1.59 28.20 -35.11
N GLU C 123 1.16 29.37 -34.62
CA GLU C 123 2.07 30.29 -33.93
C GLU C 123 2.61 29.63 -32.65
N GLU C 124 1.73 29.03 -31.86
CA GLU C 124 2.18 28.33 -30.62
C GLU C 124 3.12 27.19 -30.95
N ALA C 125 2.77 26.42 -31.97
CA ALA C 125 3.62 25.29 -32.40
C ALA C 125 5.05 25.71 -32.78
N LYS C 126 5.17 26.77 -33.60
CA LYS C 126 6.50 27.35 -33.93
C LYS C 126 7.25 27.91 -32.70
N TYR C 127 6.55 28.60 -31.83
CA TYR C 127 7.19 29.22 -30.64
C TYR C 127 7.95 28.21 -29.79
N PHE C 128 7.37 27.01 -29.61
CA PHE C 128 7.98 26.03 -28.73
C PHE C 128 8.94 25.08 -29.42
N ARG C 129 9.10 25.17 -30.76
CA ARG C 129 9.93 24.23 -31.52
C ARG C 129 11.33 24.04 -30.97
N GLU C 130 11.98 25.15 -30.60
CA GLU C 130 13.43 25.09 -30.25
C GLU C 130 13.64 24.41 -28.92
N TYR C 131 12.58 24.27 -28.12
CA TYR C 131 12.70 23.56 -26.84
C TYR C 131 12.44 22.05 -26.93
N GLU C 132 12.26 21.53 -28.15
CA GLU C 132 12.25 20.10 -28.40
C GLU C 132 11.22 19.25 -27.56
N PRO C 133 9.92 19.55 -27.67
CA PRO C 133 8.93 18.64 -27.04
C PRO C 133 8.95 17.26 -27.71
N ASP C 134 8.79 16.17 -26.95
CA ASP C 134 8.79 14.82 -27.53
C ASP C 134 7.61 14.62 -28.47
N PHE C 135 6.42 15.09 -28.05
CA PHE C 135 5.21 15.06 -28.83
C PHE C 135 4.53 16.43 -28.82
N ILE C 136 3.85 16.75 -29.92
CA ILE C 136 2.90 17.87 -29.96
C ILE C 136 1.49 17.28 -30.15
N ALA C 137 0.51 17.68 -29.33
CA ALA C 137 -0.89 17.31 -29.54
C ALA C 137 -1.67 18.50 -30.00
N TYR C 138 -2.20 18.42 -31.20
CA TYR C 138 -2.87 19.55 -31.81
C TYR C 138 -4.37 19.58 -31.56
N GLU C 139 -4.87 20.63 -30.89
CA GLU C 139 -6.33 20.78 -30.60
C GLU C 139 -6.88 22.11 -31.18
N PRO C 140 -6.93 22.28 -32.52
CA PRO C 140 -7.32 23.57 -33.07
C PRO C 140 -8.85 23.76 -33.08
N ARG C 141 -9.30 25.01 -32.92
CA ARG C 141 -10.74 25.33 -32.94
C ARG C 141 -11.48 24.90 -34.23
N ASP C 142 -10.80 24.97 -35.38
CA ASP C 142 -11.34 24.48 -36.66
C ASP C 142 -11.69 22.96 -36.74
N LEU C 143 -11.24 22.14 -35.78
CA LEU C 143 -11.57 20.70 -35.78
C LEU C 143 -12.54 20.37 -34.67
N ILE C 144 -13.09 21.37 -33.98
CA ILE C 144 -13.96 21.14 -32.83
C ILE C 144 -15.41 21.54 -33.19
N GLY C 145 -16.34 20.59 -33.10
CA GLY C 145 -17.75 20.79 -33.44
C GLY C 145 -18.42 19.47 -33.81
N GLY C 146 -19.74 19.42 -33.61
CA GLY C 146 -20.51 18.21 -33.92
C GLY C 146 -20.70 18.02 -35.40
N ASP C 147 -20.42 19.07 -36.17
CA ASP C 147 -20.56 19.03 -37.61
C ASP C 147 -19.24 18.83 -38.33
N VAL C 148 -18.15 18.63 -37.61
CA VAL C 148 -16.81 18.67 -38.21
C VAL C 148 -15.91 17.50 -37.72
N SER C 149 -15.02 17.03 -38.60
CA SER C 149 -14.05 15.97 -38.29
C SER C 149 -12.90 16.01 -39.31
N VAL C 150 -11.82 15.30 -39.02
CA VAL C 150 -10.67 15.30 -39.91
C VAL C 150 -11.05 14.88 -41.36
N SER C 151 -11.87 13.83 -41.51
CA SER C 151 -12.26 13.34 -42.84
C SER C 151 -13.01 14.40 -43.65
N THR C 152 -13.55 15.43 -42.99
CA THR C 152 -14.36 16.47 -43.61
C THR C 152 -13.66 17.83 -43.71
N ALA C 153 -12.57 18.03 -43.00
CA ALA C 153 -11.93 19.35 -42.93
C ALA C 153 -10.85 19.52 -43.98
N LYS C 154 -10.40 20.76 -44.16
CA LYS C 154 -9.27 21.02 -45.05
C LYS C 154 -7.99 20.34 -44.55
N PRO C 155 -7.24 19.68 -45.44
CA PRO C 155 -5.98 18.99 -45.05
C PRO C 155 -4.84 19.92 -44.53
N GLU C 156 -4.84 21.19 -44.93
CA GLU C 156 -3.83 22.19 -44.53
C GLU C 156 -3.70 22.35 -43.01
N ILE C 157 -4.81 22.17 -42.30
CA ILE C 157 -4.84 22.27 -40.83
C ILE C 157 -3.70 21.44 -40.21
N ILE C 158 -3.66 20.15 -40.52
CA ILE C 158 -2.63 19.25 -39.99
C ILE C 158 -1.29 19.38 -40.73
N GLU C 159 -1.35 19.56 -42.06
CA GLU C 159 -0.11 19.63 -42.86
C GLU C 159 0.82 20.77 -42.39
N ASP C 160 0.25 21.92 -42.05
CA ASP C 160 1.07 23.06 -41.58
C ASP C 160 1.91 22.70 -40.35
N ILE C 161 1.34 21.97 -39.39
CA ILE C 161 2.10 21.63 -38.14
C ILE C 161 3.15 20.56 -38.40
N VAL C 162 2.80 19.56 -39.22
CA VAL C 162 3.77 18.53 -39.60
C VAL C 162 4.99 19.20 -40.28
N LYS C 163 4.71 20.14 -41.17
CA LYS C 163 5.77 20.89 -41.89
C LYS C 163 6.70 21.66 -40.93
N ILE C 164 6.14 22.35 -39.95
CA ILE C 164 6.95 22.97 -38.88
C ILE C 164 7.96 22.01 -38.21
N TYR C 165 7.55 20.76 -37.94
CA TYR C 165 8.39 19.80 -37.19
C TYR C 165 9.19 18.82 -38.11
N GLU C 166 9.09 18.99 -39.43
CA GLU C 166 9.84 18.17 -40.42
C GLU C 166 11.33 18.18 -40.09
N GLY C 167 11.93 16.99 -39.99
CA GLY C 167 13.35 16.85 -39.68
C GLY C 167 13.75 16.95 -38.22
N THR C 168 12.79 17.19 -37.31
CA THR C 168 13.08 17.19 -35.87
C THR C 168 12.78 15.80 -35.28
N GLY C 169 13.12 15.55 -34.04
CA GLY C 169 12.67 14.32 -33.36
C GLY C 169 11.24 14.33 -32.80
N THR C 170 10.47 15.39 -33.03
CA THR C 170 9.11 15.55 -32.46
C THR C 170 8.00 14.86 -33.29
N SER C 171 7.18 14.02 -32.66
CA SER C 171 6.00 13.42 -33.32
C SER C 171 4.73 14.22 -33.10
N VAL C 172 3.89 14.31 -34.14
CA VAL C 172 2.63 15.07 -34.07
C VAL C 172 1.41 14.16 -33.89
N LEU C 173 0.57 14.45 -32.90
CA LEU C 173 -0.66 13.70 -32.60
C LEU C 173 -1.84 14.60 -32.78
N VAL C 174 -2.94 14.04 -33.25
CA VAL C 174 -4.18 14.79 -33.49
C VAL C 174 -5.13 14.62 -32.32
N GLY C 175 -5.50 15.73 -31.69
CA GLY C 175 -6.29 15.76 -30.45
C GLY C 175 -7.66 16.40 -30.53
N ALA C 176 -8.16 16.64 -31.74
CA ALA C 176 -9.57 17.08 -31.98
C ALA C 176 -10.05 16.58 -33.34
N GLY C 177 -11.36 16.38 -33.51
CA GLY C 177 -11.92 15.91 -34.79
C GLY C 177 -11.70 14.43 -35.12
N ILE C 178 -11.37 13.64 -34.10
CA ILE C 178 -11.25 12.19 -34.22
C ILE C 178 -12.54 11.50 -33.73
N LYS C 179 -13.37 11.03 -34.66
CA LYS C 179 -14.61 10.33 -34.31
C LYS C 179 -14.68 8.88 -34.80
N THR C 180 -13.96 8.52 -35.86
CA THR C 180 -13.99 7.17 -36.43
C THR C 180 -12.57 6.76 -36.87
N GLY C 181 -12.44 5.49 -37.24
CA GLY C 181 -11.22 4.96 -37.86
C GLY C 181 -10.78 5.64 -39.16
N GLU C 182 -11.73 6.08 -39.95
CA GLU C 182 -11.41 6.85 -41.18
C GLU C 182 -10.66 8.14 -40.84
N ASP C 183 -11.09 8.84 -39.75
CA ASP C 183 -10.40 10.06 -39.31
C ASP C 183 -8.95 9.76 -38.88
N VAL C 184 -8.73 8.62 -38.21
CA VAL C 184 -7.38 8.21 -37.76
C VAL C 184 -6.48 7.93 -38.96
N ARG C 185 -6.99 7.10 -39.89
CA ARG C 185 -6.19 6.70 -41.07
C ARG C 185 -5.86 7.93 -41.97
N ARG C 186 -6.81 8.86 -42.11
CA ARG C 186 -6.52 10.08 -42.88
C ARG C 186 -5.44 10.97 -42.21
N SER C 187 -5.48 11.08 -40.87
CA SER C 187 -4.44 11.81 -40.11
C SER C 187 -3.04 11.28 -40.34
N ILE C 188 -2.89 9.95 -40.30
CA ILE C 188 -1.62 9.31 -40.52
C ILE C 188 -1.16 9.61 -41.96
N GLY C 189 -2.09 9.55 -42.90
CA GLY C 189 -1.79 9.87 -44.33
C GLY C 189 -1.24 11.29 -44.47
N LEU C 190 -1.73 12.21 -43.64
CA LEU C 190 -1.22 13.59 -43.63
C LEU C 190 0.08 13.83 -42.87
N GLY C 191 0.69 12.80 -42.27
CA GLY C 191 1.97 12.93 -41.56
C GLY C 191 1.94 12.84 -40.01
N ALA C 192 0.75 12.73 -39.42
CA ALA C 192 0.66 12.52 -37.95
C ALA C 192 1.09 11.10 -37.54
N ARG C 193 1.51 10.93 -36.29
CA ARG C 193 1.92 9.65 -35.77
C ARG C 193 0.96 9.06 -34.71
N GLY C 194 -0.24 9.59 -34.57
CA GLY C 194 -1.25 9.06 -33.61
C GLY C 194 -2.29 10.08 -33.17
N ILE C 195 -2.93 9.81 -32.01
CA ILE C 195 -4.12 10.48 -31.56
C ILE C 195 -4.14 10.62 -30.05
N LEU C 196 -4.90 11.64 -29.61
CA LEU C 196 -5.24 11.86 -28.15
C LEU C 196 -6.74 12.00 -28.08
N VAL C 197 -7.42 11.10 -27.36
CA VAL C 197 -8.87 11.02 -27.30
C VAL C 197 -9.33 10.91 -25.84
N ALA C 198 -10.64 11.07 -25.59
CA ALA C 198 -11.20 11.11 -24.24
C ALA C 198 -12.67 10.62 -24.21
N SER C 199 -13.66 11.54 -24.25
CA SER C 199 -15.08 11.11 -24.03
C SER C 199 -15.62 10.06 -25.06
N GLY C 200 -15.12 10.10 -26.29
CA GLY C 200 -15.45 9.13 -27.33
C GLY C 200 -15.23 7.70 -26.91
N VAL C 201 -14.22 7.47 -26.04
CA VAL C 201 -13.99 6.14 -25.45
C VAL C 201 -14.61 6.04 -24.05
N VAL C 202 -14.31 7.00 -23.18
CA VAL C 202 -14.67 6.89 -21.75
C VAL C 202 -16.21 6.89 -21.48
N LYS C 203 -16.94 7.71 -22.22
CA LYS C 203 -18.41 7.76 -22.08
C LYS C 203 -19.21 6.88 -23.06
N SER C 204 -18.53 6.00 -23.78
CA SER C 204 -19.18 5.00 -24.63
C SER C 204 -19.96 3.94 -23.86
N ALA C 205 -21.05 3.45 -24.47
CA ALA C 205 -21.75 2.26 -23.92
C ALA C 205 -20.85 1.01 -23.91
N ASP C 206 -19.82 0.95 -24.77
CA ASP C 206 -18.84 -0.18 -24.78
C ASP C 206 -17.44 0.41 -25.06
N PRO C 207 -16.75 0.87 -24.00
CA PRO C 207 -15.41 1.49 -24.20
C PRO C 207 -14.37 0.70 -24.99
N THR C 208 -14.30 -0.61 -24.72
CA THR C 208 -13.38 -1.52 -25.43
C THR C 208 -13.59 -1.52 -26.95
N LYS C 209 -14.86 -1.65 -27.37
CA LYS C 209 -15.21 -1.66 -28.78
C LYS C 209 -14.95 -0.32 -29.48
N SER C 210 -15.28 0.77 -28.80
CA SER C 210 -15.02 2.09 -29.32
C SER C 210 -13.51 2.33 -29.54
N LEU C 211 -12.65 2.00 -28.58
CA LEU C 211 -11.18 2.11 -28.83
C LEU C 211 -10.65 1.19 -30.01
N ASN C 212 -11.14 -0.04 -30.05
CA ASN C 212 -10.74 -0.98 -31.11
C ASN C 212 -11.14 -0.46 -32.51
N SER C 213 -12.27 0.20 -32.61
CA SER C 213 -12.66 0.77 -33.89
C SER C 213 -11.76 1.87 -34.37
N LEU C 214 -11.25 2.67 -33.45
CA LEU C 214 -10.34 3.77 -33.83
C LEU C 214 -8.98 3.25 -34.31
N ILE C 215 -8.46 2.23 -33.64
CA ILE C 215 -7.08 1.78 -33.92
C ILE C 215 -6.93 0.54 -34.86
N GLU C 216 -8.03 0.00 -35.34
CA GLU C 216 -8.05 -1.12 -36.31
C GLU C 216 -7.35 -0.81 -37.61
N LEU C 217 -6.38 -1.64 -38.00
CA LEU C 217 -5.64 -1.44 -39.27
C LEU C 217 -5.86 -2.48 -40.42
N LYS C 218 -6.62 -3.54 -40.18
CA LYS C 218 -6.87 -4.59 -41.19
C LYS C 218 -5.58 -5.26 -41.70
N LEU C 219 -4.80 -5.82 -40.78
CA LEU C 219 -3.55 -6.52 -41.10
C LEU C 219 -3.78 -7.99 -41.43
N GLU C 220 -2.93 -8.57 -42.28
CA GLU C 220 -2.82 -10.04 -42.46
C GLU C 220 -1.73 -10.60 -41.58
N HIS C 221 -1.91 -11.84 -41.10
CA HIS C 221 -0.90 -12.54 -40.29
C HIS C 221 -0.59 -13.90 -40.94
N HIS C 222 0.58 -14.46 -40.61
CA HIS C 222 1.06 -15.72 -41.19
C HIS C 222 0.23 -16.90 -40.74
N MET D 3 4.81 -0.63 34.69
CA MET D 3 3.43 -0.94 34.21
C MET D 3 3.18 -2.49 34.18
N TYR D 4 1.92 -2.89 34.27
CA TYR D 4 1.53 -4.26 34.01
C TYR D 4 1.34 -4.43 32.45
N THR D 5 1.15 -5.68 31.97
CA THR D 5 0.97 -5.94 30.52
C THR D 5 -0.30 -6.77 30.28
N ALA D 6 -1.14 -6.33 29.34
CA ALA D 6 -2.26 -7.14 28.89
C ALA D 6 -2.15 -7.40 27.36
N ILE D 7 -2.11 -8.67 26.97
CA ILE D 7 -2.08 -9.12 25.57
C ILE D 7 -3.43 -9.73 25.13
N VAL D 8 -4.01 -9.21 24.06
CA VAL D 8 -5.30 -9.76 23.46
C VAL D 8 -4.96 -10.48 22.14
N ASN D 9 -5.05 -11.81 22.17
CA ASN D 9 -4.79 -12.71 21.02
C ASN D 9 -6.06 -12.85 20.12
N LEU D 10 -5.97 -12.34 18.88
CA LEU D 10 -7.07 -12.42 17.90
C LEU D 10 -7.23 -13.81 17.21
N LYS D 11 -6.24 -14.69 17.42
CA LYS D 11 -6.19 -16.04 16.80
C LYS D 11 -6.58 -15.94 15.30
N THR D 12 -7.42 -16.85 14.82
CA THR D 12 -8.01 -16.71 13.45
C THR D 12 -9.55 -16.62 13.54
N TYR D 13 -10.07 -15.82 14.51
CA TYR D 13 -11.48 -15.67 14.72
C TYR D 13 -12.08 -14.78 13.64
N ARG D 14 -13.27 -15.15 13.17
CA ARG D 14 -13.92 -14.40 12.08
C ARG D 14 -14.22 -12.94 12.40
N GLU D 15 -14.52 -12.62 13.67
CA GLU D 15 -14.84 -11.26 14.10
C GLU D 15 -13.70 -10.23 13.99
N ALA D 16 -12.45 -10.71 13.97
CA ALA D 16 -11.28 -9.85 14.14
C ALA D 16 -10.13 -10.09 13.17
N THR D 17 -10.40 -10.77 12.05
CA THR D 17 -9.43 -11.12 10.95
C THR D 17 -9.91 -10.68 9.57
N GLY D 18 -8.97 -10.53 8.61
CA GLY D 18 -9.35 -10.08 7.23
C GLY D 18 -10.05 -8.74 7.14
N ALA D 19 -11.15 -8.66 6.35
CA ALA D 19 -11.91 -7.39 6.25
C ALA D 19 -12.45 -6.88 7.58
N ASN D 20 -12.68 -7.80 8.52
CA ASN D 20 -13.14 -7.47 9.86
C ASN D 20 -12.06 -6.94 10.83
N PHE D 21 -10.78 -7.12 10.49
CA PHE D 21 -9.72 -6.53 11.37
C PHE D 21 -9.85 -5.07 11.66
N THR D 22 -9.98 -4.23 10.62
CA THR D 22 -10.15 -2.79 10.81
C THR D 22 -11.42 -2.41 11.63
N ARG D 23 -12.56 -3.04 11.31
CA ARG D 23 -13.81 -2.81 12.07
C ARG D 23 -13.67 -3.18 13.56
N PHE D 24 -13.09 -4.34 13.84
CA PHE D 24 -12.82 -4.75 15.21
C PHE D 24 -11.93 -3.73 15.97
N MET D 25 -10.80 -3.35 15.38
CA MET D 25 -9.89 -2.46 16.06
C MET D 25 -10.49 -1.05 16.34
N GLU D 26 -11.41 -0.56 15.49
CA GLU D 26 -12.15 0.73 15.73
C GLU D 26 -12.92 0.80 17.06
N LYS D 27 -13.24 -0.35 17.63
CA LYS D 27 -13.89 -0.44 18.94
C LYS D 27 -13.02 0.04 20.13
N PHE D 28 -11.70 0.10 19.96
CA PHE D 28 -10.73 0.46 21.02
C PHE D 28 -10.01 1.82 20.81
N GLU D 29 -9.61 2.49 21.89
CA GLU D 29 -8.79 3.74 21.81
C GLU D 29 -7.55 3.64 22.70
N PRO D 30 -6.37 4.15 22.25
CA PRO D 30 -5.19 3.97 23.10
C PRO D 30 -5.39 4.60 24.49
N VAL D 31 -4.97 3.86 25.51
CA VAL D 31 -5.29 4.05 26.91
C VAL D 31 -3.97 4.56 27.49
N GLN D 32 -4.04 5.59 28.34
CA GLN D 32 -2.89 5.97 29.14
C GLN D 32 -3.21 5.53 30.56
N GLY D 33 -2.36 4.71 31.17
CA GLY D 33 -2.71 4.07 32.46
C GLY D 33 -1.70 3.05 33.00
N LYS D 34 -2.11 2.24 33.94
CA LYS D 34 -1.20 1.25 34.61
C LYS D 34 -0.90 -0.03 33.77
N PHE D 35 -1.80 -0.38 32.87
CA PHE D 35 -1.57 -1.50 31.90
C PHE D 35 -1.12 -0.98 30.50
N GLU D 36 -0.06 -1.56 29.93
CA GLU D 36 0.25 -1.46 28.48
C GLU D 36 -0.60 -2.54 27.75
N LEU D 37 -1.34 -2.12 26.72
CA LEU D 37 -2.16 -3.00 25.92
C LEU D 37 -1.45 -3.37 24.60
N ILE D 38 -1.37 -4.66 24.29
CA ILE D 38 -0.69 -5.17 23.09
C ILE D 38 -1.70 -6.10 22.40
N PHE D 39 -1.94 -5.93 21.08
CA PHE D 39 -2.76 -6.87 20.31
C PHE D 39 -1.90 -7.84 19.45
N SER D 40 -2.36 -9.08 19.28
CA SER D 40 -1.70 -10.10 18.44
C SER D 40 -2.57 -10.50 17.25
N PRO D 41 -2.37 -9.83 16.11
CA PRO D 41 -3.19 -10.12 14.90
C PRO D 41 -2.72 -11.38 14.19
N SER D 42 -3.57 -11.92 13.30
CA SER D 42 -3.20 -13.11 12.50
C SER D 42 -2.01 -12.78 11.55
N LEU D 43 -1.27 -13.80 11.13
CA LEU D 43 -0.09 -13.58 10.26
C LEU D 43 -0.45 -12.86 8.92
N LEU D 44 -1.62 -13.16 8.36
CA LEU D 44 -2.00 -12.52 7.10
C LEU D 44 -2.42 -11.03 7.27
N ASP D 45 -2.79 -10.63 8.50
CA ASP D 45 -3.11 -9.23 8.82
C ASP D 45 -1.92 -8.39 9.39
N LEU D 46 -0.75 -9.00 9.59
CA LEU D 46 0.32 -8.38 10.41
C LEU D 46 0.93 -7.12 9.79
N GLU D 47 1.15 -7.13 8.46
CA GLU D 47 1.68 -5.95 7.76
C GLU D 47 0.76 -4.74 7.84
N LYS D 48 -0.52 -4.95 7.64
CA LYS D 48 -1.53 -3.91 7.79
C LYS D 48 -1.57 -3.31 9.21
N ALA D 49 -1.47 -4.15 10.23
CA ALA D 49 -1.42 -3.70 11.59
C ALA D 49 -0.15 -2.84 11.86
N ALA D 50 1.00 -3.31 11.42
CA ALA D 50 2.29 -2.60 11.60
C ALA D 50 2.33 -1.18 10.99
N LYS D 51 1.86 -1.08 9.75
CA LYS D 51 1.90 0.18 9.00
C LYS D 51 0.83 1.21 9.41
N CYS D 52 -0.36 0.76 9.76
CA CYS D 52 -1.52 1.63 9.90
C CYS D 52 -2.35 1.50 11.20
N GLY D 53 -2.07 0.52 12.05
CA GLY D 53 -2.72 0.41 13.35
C GLY D 53 -2.22 1.39 14.42
N LYS D 54 -3.06 1.56 15.44
CA LYS D 54 -2.89 2.57 16.48
C LYS D 54 -2.30 2.10 17.81
N PHE D 55 -1.97 0.81 17.93
CA PHE D 55 -1.45 0.17 19.15
C PHE D 55 -0.09 -0.49 18.87
N ARG D 56 0.55 -0.99 19.93
CA ARG D 56 1.67 -1.95 19.80
C ARG D 56 1.15 -3.36 19.40
N PHE D 57 1.78 -4.00 18.39
CA PHE D 57 1.35 -5.34 17.88
C PHE D 57 2.47 -6.37 18.00
N PHE D 58 2.15 -7.58 18.47
CA PHE D 58 3.06 -8.74 18.44
C PHE D 58 2.51 -9.83 17.52
N ALA D 59 3.41 -10.53 16.82
CA ALA D 59 3.01 -11.73 16.03
C ALA D 59 2.51 -12.89 16.89
N GLN D 60 1.80 -13.84 16.26
CA GLN D 60 1.26 -15.04 16.87
C GLN D 60 2.29 -16.23 16.89
N HIS D 61 3.33 -16.13 16.05
CA HIS D 61 4.35 -17.18 15.82
C HIS D 61 5.43 -16.54 14.98
N VAL D 62 6.70 -16.93 15.20
CA VAL D 62 7.83 -16.39 14.43
C VAL D 62 8.88 -17.51 14.14
N ASP D 63 9.51 -17.46 12.95
CA ASP D 63 10.59 -18.41 12.57
C ASP D 63 12.00 -17.74 12.71
N ALA D 64 12.98 -18.56 13.08
CA ALA D 64 14.41 -18.14 13.27
C ALA D 64 15.21 -18.00 12.00
N GLU D 65 14.74 -18.58 10.90
CA GLU D 65 15.43 -18.48 9.61
C GLU D 65 15.60 -17.04 9.11
N PRO D 66 16.74 -16.72 8.45
CA PRO D 66 16.97 -15.36 7.94
C PRO D 66 16.24 -15.15 6.61
N TYR D 67 16.36 -13.98 5.98
CA TYR D 67 15.99 -13.86 4.54
C TYR D 67 16.71 -14.94 3.68
N GLY D 68 16.08 -15.41 2.62
CA GLY D 68 16.63 -16.43 1.69
C GLY D 68 15.62 -17.43 1.10
N ALA D 69 16.09 -18.65 0.84
CA ALA D 69 15.32 -19.72 0.22
C ALA D 69 14.48 -20.50 1.27
N TYR D 70 13.44 -19.84 1.80
CA TYR D 70 12.58 -20.46 2.86
C TYR D 70 11.08 -20.34 2.55
N THR D 71 10.65 -21.07 1.51
CA THR D 71 9.26 -21.07 1.04
C THR D 71 8.33 -21.29 2.23
N GLY D 72 7.29 -20.46 2.33
CA GLY D 72 6.28 -20.66 3.40
C GLY D 72 6.64 -20.35 4.85
N HIS D 73 7.77 -19.66 5.07
CA HIS D 73 8.20 -19.20 6.37
C HIS D 73 7.85 -17.75 6.63
N VAL D 74 7.89 -17.39 7.92
CA VAL D 74 7.72 -16.02 8.43
C VAL D 74 8.92 -15.51 9.28
N PRO D 75 10.02 -15.09 8.61
CA PRO D 75 11.31 -14.78 9.31
C PRO D 75 11.29 -13.58 10.26
N MET D 76 11.94 -13.74 11.43
CA MET D 76 12.12 -12.66 12.41
C MET D 76 12.67 -11.37 11.79
N ASP D 77 13.67 -11.50 10.93
CA ASP D 77 14.32 -10.28 10.33
C ASP D 77 13.32 -9.49 9.42
N MET D 78 12.41 -10.22 8.79
CA MET D 78 11.34 -9.56 8.00
C MET D 78 10.33 -8.79 8.89
N MET D 79 9.91 -9.41 9.99
CA MET D 79 9.06 -8.73 10.97
C MET D 79 9.67 -7.43 11.49
N ILE D 80 10.95 -7.48 11.92
CA ILE D 80 11.66 -6.31 12.38
C ILE D 80 11.59 -5.21 11.32
N ASP D 81 11.85 -5.51 10.05
CA ASP D 81 11.80 -4.50 8.95
C ASP D 81 10.39 -3.93 8.72
N LEU D 82 9.35 -4.69 8.97
CA LEU D 82 7.97 -4.15 8.85
C LEU D 82 7.60 -3.20 10.00
N GLY D 83 8.31 -3.28 11.14
CA GLY D 83 7.96 -2.52 12.32
C GLY D 83 7.34 -3.33 13.48
N ILE D 84 7.44 -4.66 13.45
CA ILE D 84 6.99 -5.49 14.55
C ILE D 84 8.19 -5.82 15.46
N THR D 85 7.99 -5.64 16.79
CA THR D 85 9.05 -5.80 17.83
C THR D 85 8.93 -7.02 18.78
N GLY D 86 7.97 -7.92 18.55
CA GLY D 86 7.86 -9.12 19.37
C GLY D 86 6.87 -10.13 18.83
N SER D 87 6.85 -11.30 19.47
CA SER D 87 5.95 -12.43 19.07
C SER D 87 5.66 -13.35 20.25
N ILE D 88 4.45 -13.93 20.22
CA ILE D 88 4.12 -15.12 20.95
C ILE D 88 4.81 -16.35 20.33
N LEU D 89 5.20 -17.32 21.17
CA LEU D 89 5.88 -18.58 20.71
C LEU D 89 5.44 -19.81 21.52
N ASN D 90 5.32 -20.97 20.84
CA ASN D 90 4.93 -22.25 21.47
C ASN D 90 3.51 -22.25 22.15
N HIS D 91 2.59 -21.42 21.65
CA HIS D 91 1.16 -21.49 22.14
C HIS D 91 0.62 -22.94 22.05
N SER D 92 -0.35 -23.30 22.90
CA SER D 92 -0.91 -24.62 22.88
C SER D 92 -1.48 -25.05 21.50
N GLU D 93 -1.96 -24.09 20.68
CA GLU D 93 -2.42 -24.35 19.29
C GLU D 93 -1.30 -24.38 18.20
N ARG D 94 -0.07 -24.02 18.57
CA ARG D 94 1.09 -23.91 17.68
C ARG D 94 2.39 -24.37 18.40
N ARG D 95 2.34 -25.59 18.97
CA ARG D 95 3.51 -26.10 19.74
C ARG D 95 4.72 -26.46 18.83
N LEU D 96 5.94 -26.30 19.35
CA LEU D 96 7.19 -26.49 18.58
C LEU D 96 8.21 -27.46 19.26
N PRO D 97 9.11 -28.11 18.48
CA PRO D 97 10.17 -28.96 19.09
C PRO D 97 11.07 -28.13 19.99
N ARG D 98 11.61 -28.74 21.05
CA ARG D 98 12.47 -28.01 21.98
C ARG D 98 13.67 -27.38 21.38
N ASP D 99 14.35 -28.04 20.43
CA ASP D 99 15.55 -27.42 19.87
C ASP D 99 15.18 -26.18 18.99
N THR D 100 14.00 -26.21 18.39
CA THR D 100 13.54 -25.04 17.58
C THR D 100 13.31 -23.81 18.48
N ILE D 101 12.68 -24.05 19.64
CA ILE D 101 12.45 -23.02 20.65
C ILE D 101 13.75 -22.38 21.17
N ILE D 102 14.73 -23.22 21.53
CA ILE D 102 16.09 -22.74 21.93
C ILE D 102 16.76 -21.88 20.87
N ASN D 103 16.77 -22.34 19.61
N ASN D 103 16.76 -22.34 19.63
CA ASN D 103 17.36 -21.54 18.49
CA ASN D 103 17.36 -21.54 18.56
C ASN D 103 16.71 -20.15 18.33
C ASN D 103 16.71 -20.16 18.39
N THR D 104 15.38 -20.13 18.39
CA THR D 104 14.63 -18.87 18.30
C THR D 104 14.87 -17.89 19.49
N LEU D 105 14.90 -18.42 20.72
CA LEU D 105 15.21 -17.60 21.91
C LEU D 105 16.63 -17.00 21.82
N LYS D 106 17.58 -17.78 21.31
CA LYS D 106 18.93 -17.28 21.16
C LYS D 106 19.04 -16.17 20.15
N LYS D 107 18.40 -16.32 19.00
CA LYS D 107 18.43 -15.24 18.01
C LYS D 107 17.72 -13.95 18.53
N ALA D 108 16.59 -14.11 19.19
CA ALA D 108 15.82 -12.96 19.70
C ALA D 108 16.65 -12.16 20.70
N SER D 109 17.38 -12.88 21.57
CA SER D 109 18.24 -12.20 22.53
C SER D 109 19.28 -11.29 21.83
N LYS D 110 19.90 -11.80 20.78
CA LYS D 110 20.85 -11.06 19.98
C LYS D 110 20.25 -9.83 19.28
N LEU D 111 19.01 -9.93 18.79
CA LEU D 111 18.38 -8.84 18.04
C LEU D 111 17.47 -7.93 18.88
N ASP D 112 17.44 -8.11 20.19
CA ASP D 112 16.55 -7.33 21.03
C ASP D 112 15.07 -7.41 20.60
N PHE D 113 14.64 -8.58 20.18
CA PHE D 113 13.24 -8.79 19.77
C PHE D 113 12.59 -9.47 20.96
N THR D 114 11.36 -9.08 21.37
CA THR D 114 10.70 -9.65 22.57
C THR D 114 9.96 -11.00 22.33
N ILE D 115 10.24 -12.07 23.11
CA ILE D 115 9.47 -13.30 23.01
C ILE D 115 8.55 -13.48 24.23
N VAL D 116 7.28 -13.79 23.97
CA VAL D 116 6.34 -14.23 25.00
C VAL D 116 6.24 -15.74 24.86
N LEU D 117 6.95 -16.49 25.72
CA LEU D 117 6.99 -17.98 25.59
C LEU D 117 5.89 -18.66 26.40
N CYS D 118 4.99 -19.39 25.73
CA CYS D 118 3.94 -20.12 26.41
C CYS D 118 4.47 -21.48 26.92
N VAL D 119 4.07 -21.86 28.15
CA VAL D 119 4.35 -23.20 28.71
C VAL D 119 3.13 -23.76 29.46
N GLU D 120 3.08 -25.10 29.61
CA GLU D 120 1.91 -25.77 30.21
C GLU D 120 2.15 -26.32 31.65
N ASN D 121 3.41 -26.39 32.09
CA ASN D 121 3.71 -26.94 33.47
C ASN D 121 5.07 -26.48 34.00
N ALA D 122 5.36 -26.82 35.25
CA ALA D 122 6.60 -26.32 35.92
C ALA D 122 7.86 -26.92 35.37
N GLU D 123 7.81 -28.15 34.87
CA GLU D 123 8.99 -28.76 34.25
C GLU D 123 9.39 -27.98 32.99
N GLU D 124 8.41 -27.62 32.15
CA GLU D 124 8.74 -26.81 30.94
C GLU D 124 9.32 -25.45 31.32
N ALA D 125 8.68 -24.82 32.30
CA ALA D 125 9.13 -23.50 32.79
C ALA D 125 10.62 -23.52 33.26
N LYS D 126 10.98 -24.52 34.07
CA LYS D 126 12.41 -24.70 34.48
C LYS D 126 13.35 -25.00 33.32
N TYR D 127 12.91 -25.86 32.41
CA TYR D 127 13.76 -26.26 31.27
C TYR D 127 14.26 -25.05 30.45
N PHE D 128 13.38 -24.06 30.25
CA PHE D 128 13.71 -22.94 29.39
C PHE D 128 14.31 -21.75 30.13
N ARG D 129 14.38 -21.80 31.46
CA ARG D 129 14.87 -20.66 32.29
C ARG D 129 16.21 -20.11 31.83
N GLU D 130 17.16 -20.99 31.54
CA GLU D 130 18.54 -20.52 31.26
C GLU D 130 18.65 -19.78 29.94
N TYR D 131 17.65 -19.93 29.05
CA TYR D 131 17.66 -19.18 27.78
C TYR D 131 16.97 -17.82 27.85
N GLU D 132 16.53 -17.41 29.03
CA GLU D 132 16.10 -16.02 29.28
C GLU D 132 14.95 -15.48 28.38
N PRO D 133 13.76 -16.11 28.44
CA PRO D 133 12.60 -15.50 27.73
C PRO D 133 12.19 -14.18 28.39
N ASP D 134 11.79 -13.16 27.61
CA ASP D 134 11.37 -11.88 28.17
C ASP D 134 10.12 -12.03 29.00
N PHE D 135 9.13 -12.82 28.52
CA PHE D 135 7.93 -13.17 29.27
C PHE D 135 7.71 -14.68 29.22
N ILE D 136 7.13 -15.24 30.28
CA ILE D 136 6.53 -16.56 30.27
C ILE D 136 4.99 -16.40 30.40
N ALA D 137 4.22 -17.06 29.53
CA ALA D 137 2.76 -17.09 29.64
C ALA D 137 2.32 -18.49 30.03
N TYR D 138 1.69 -18.58 31.18
CA TYR D 138 1.38 -19.86 31.76
C TYR D 138 -0.03 -20.31 31.40
N GLU D 139 -0.16 -21.46 30.72
CA GLU D 139 -1.51 -22.03 30.35
C GLU D 139 -1.66 -23.46 30.89
N PRO D 140 -1.72 -23.66 32.24
CA PRO D 140 -1.79 -25.03 32.76
C PRO D 140 -3.19 -25.65 32.69
N ARG D 141 -3.25 -26.97 32.53
CA ARG D 141 -4.52 -27.72 32.49
C ARG D 141 -5.41 -27.54 33.73
N ASP D 142 -4.81 -27.42 34.91
CA ASP D 142 -5.54 -27.11 36.16
C ASP D 142 -6.33 -25.77 36.21
N LEU D 143 -6.08 -24.84 35.27
CA LEU D 143 -6.81 -23.57 35.23
C LEU D 143 -7.77 -23.51 34.06
N ILE D 144 -7.93 -24.61 33.33
CA ILE D 144 -8.76 -24.65 32.13
C ILE D 144 -10.04 -25.46 32.41
N GLY D 145 -11.20 -24.82 32.25
CA GLY D 145 -12.52 -25.44 32.50
C GLY D 145 -13.57 -24.38 32.82
N GLY D 146 -14.83 -24.71 32.55
CA GLY D 146 -15.94 -23.81 32.85
C GLY D 146 -16.22 -23.72 34.35
N ASP D 147 -15.69 -24.68 35.10
CA ASP D 147 -15.92 -24.76 36.52
C ASP D 147 -14.76 -24.15 37.33
N VAL D 148 -13.76 -23.57 36.67
CA VAL D 148 -12.52 -23.19 37.35
C VAL D 148 -11.98 -21.82 36.89
N SER D 149 -11.31 -21.12 37.81
CA SER D 149 -10.68 -19.80 37.55
C SER D 149 -9.62 -19.51 38.63
N VAL D 150 -8.78 -18.51 38.39
CA VAL D 150 -7.72 -18.16 39.36
C VAL D 150 -8.30 -17.85 40.78
N SER D 151 -9.40 -17.10 40.86
CA SER D 151 -10.01 -16.78 42.15
C SER D 151 -10.48 -18.00 42.95
N THR D 152 -10.67 -19.13 42.29
CA THR D 152 -11.15 -20.36 42.92
C THR D 152 -10.07 -21.42 43.11
N ALA D 153 -8.95 -21.31 42.43
CA ALA D 153 -7.97 -22.40 42.38
C ALA D 153 -6.94 -22.26 43.49
N LYS D 154 -6.19 -23.32 43.73
CA LYS D 154 -5.10 -23.24 44.69
C LYS D 154 -4.03 -22.21 44.23
N PRO D 155 -3.56 -21.35 45.16
CA PRO D 155 -2.55 -20.33 44.82
C PRO D 155 -1.17 -20.87 44.36
N GLU D 156 -0.82 -22.08 44.79
CA GLU D 156 0.47 -22.74 44.46
C GLU D 156 0.72 -22.84 42.95
N ILE D 157 -0.36 -22.99 42.17
CA ILE D 157 -0.25 -23.11 40.70
C ILE D 157 0.61 -21.99 40.11
N ILE D 158 0.26 -20.74 40.42
CA ILE D 158 1.01 -19.56 39.97
C ILE D 158 2.27 -19.27 40.79
N GLU D 159 2.19 -19.48 42.10
CA GLU D 159 3.35 -19.23 42.98
C GLU D 159 4.58 -20.07 42.60
N ASP D 160 4.38 -21.33 42.25
CA ASP D 160 5.53 -22.18 41.80
C ASP D 160 6.30 -21.60 40.61
N ILE D 161 5.59 -21.06 39.62
CA ILE D 161 6.29 -20.50 38.42
C ILE D 161 6.97 -19.16 38.72
N VAL D 162 6.31 -18.30 39.51
CA VAL D 162 6.93 -17.06 39.94
C VAL D 162 8.24 -17.36 40.69
N LYS D 163 8.18 -18.36 41.55
CA LYS D 163 9.37 -18.78 42.36
C LYS D 163 10.55 -19.24 41.46
N ILE D 164 10.26 -20.05 40.44
CA ILE D 164 11.28 -20.40 39.44
C ILE D 164 12.00 -19.18 38.83
N TYR D 165 11.27 -18.10 38.52
CA TYR D 165 11.84 -16.93 37.85
C TYR D 165 12.25 -15.79 38.79
N GLU D 166 12.14 -16.00 40.10
CA GLU D 166 12.59 -15.03 41.11
C GLU D 166 14.07 -14.62 40.87
N GLY D 167 14.34 -13.33 40.78
CA GLY D 167 15.69 -12.84 40.55
C GLY D 167 16.19 -12.86 39.11
N THR D 168 15.37 -13.30 38.17
CA THR D 168 15.72 -13.19 36.73
C THR D 168 15.08 -11.94 36.14
N GLY D 169 15.40 -11.60 34.91
CA GLY D 169 14.69 -10.52 34.23
C GLY D 169 13.32 -10.90 33.58
N THR D 170 12.86 -12.12 33.77
CA THR D 170 11.63 -12.65 33.11
C THR D 170 10.32 -12.28 33.87
N SER D 171 9.32 -11.71 33.19
CA SER D 171 7.95 -11.46 33.77
C SER D 171 6.97 -12.58 33.47
N VAL D 172 6.15 -12.93 34.45
CA VAL D 172 5.19 -13.99 34.31
C VAL D 172 3.78 -13.44 34.04
N LEU D 173 3.13 -13.95 32.98
CA LEU D 173 1.74 -13.61 32.64
C LEU D 173 0.87 -14.84 32.80
N VAL D 174 -0.39 -14.63 33.18
CA VAL D 174 -1.36 -15.71 33.34
C VAL D 174 -2.25 -15.81 32.11
N GLY D 175 -2.22 -16.99 31.47
CA GLY D 175 -2.92 -17.24 30.19
C GLY D 175 -4.01 -18.28 30.19
N ALA D 176 -4.48 -18.68 31.38
CA ALA D 176 -5.72 -19.48 31.53
C ALA D 176 -6.41 -19.15 32.83
N GLY D 177 -7.74 -19.36 32.91
CA GLY D 177 -8.49 -19.08 34.16
C GLY D 177 -8.76 -17.61 34.48
N ILE D 178 -8.60 -16.74 33.48
CA ILE D 178 -8.91 -15.30 33.62
C ILE D 178 -10.33 -15.00 33.05
N LYS D 179 -11.30 -14.85 33.92
CA LYS D 179 -12.69 -14.54 33.50
C LYS D 179 -13.20 -13.18 33.99
N THR D 180 -12.67 -12.64 35.10
CA THR D 180 -13.13 -11.35 35.66
C THR D 180 -11.95 -10.54 36.16
N GLY D 181 -12.22 -9.28 36.52
CA GLY D 181 -11.26 -8.41 37.22
C GLY D 181 -10.68 -8.98 38.51
N GLU D 182 -11.52 -9.70 39.25
CA GLU D 182 -11.04 -10.35 40.51
C GLU D 182 -9.95 -11.37 40.24
N ASP D 183 -10.11 -12.14 39.14
CA ASP D 183 -9.02 -13.08 38.74
C ASP D 183 -7.72 -12.34 38.39
N VAL D 184 -7.84 -11.21 37.69
CA VAL D 184 -6.64 -10.40 37.30
C VAL D 184 -5.93 -9.85 38.59
N ARG D 185 -6.70 -9.24 39.48
CA ARG D 185 -6.13 -8.62 40.71
C ARG D 185 -5.49 -9.71 41.64
N ARG D 186 -6.12 -10.90 41.73
CA ARG D 186 -5.53 -11.98 42.52
C ARG D 186 -4.19 -12.51 41.91
N SER D 187 -4.12 -12.65 40.58
CA SER D 187 -2.88 -12.99 39.88
C SER D 187 -1.72 -12.05 40.18
N ILE D 188 -1.98 -10.74 40.13
CA ILE D 188 -0.96 -9.74 40.46
C ILE D 188 -0.53 -9.87 41.91
N GLY D 189 -1.49 -10.11 42.78
CA GLY D 189 -1.18 -10.36 44.25
C GLY D 189 -0.23 -11.54 44.43
N LEU D 190 -0.40 -12.59 43.60
CA LEU D 190 0.49 -13.75 43.63
C LEU D 190 1.85 -13.61 42.94
N GLY D 191 2.15 -12.46 42.33
CA GLY D 191 3.45 -12.21 41.71
C GLY D 191 3.49 -12.10 40.19
N ALA D 192 2.36 -12.35 39.53
CA ALA D 192 2.29 -12.13 38.06
C ALA D 192 2.33 -10.65 37.65
N ARG D 193 2.76 -10.35 36.43
CA ARG D 193 2.80 -8.99 35.93
C ARG D 193 1.78 -8.70 34.81
N GLY D 194 0.79 -9.58 34.62
CA GLY D 194 -0.28 -9.32 33.59
C GLY D 194 -0.93 -10.61 33.10
N ILE D 195 -1.57 -10.53 31.92
CA ILE D 195 -2.45 -11.54 31.42
C ILE D 195 -2.32 -11.70 29.90
N LEU D 196 -2.71 -12.89 29.42
CA LEU D 196 -2.91 -13.17 27.96
C LEU D 196 -4.31 -13.72 27.78
N VAL D 197 -5.18 -13.01 27.03
CA VAL D 197 -6.60 -13.38 26.90
C VAL D 197 -6.99 -13.40 25.42
N ALA D 198 -8.18 -13.98 25.11
CA ALA D 198 -8.65 -14.15 23.71
C ALA D 198 -10.20 -14.14 23.59
N SER D 199 -10.86 -15.30 23.56
CA SER D 199 -12.35 -15.32 23.28
C SER D 199 -13.22 -14.49 24.26
N GLY D 200 -12.79 -14.39 25.51
CA GLY D 200 -13.49 -13.56 26.52
C GLY D 200 -13.66 -12.11 26.12
N VAL D 201 -12.70 -11.58 25.32
CA VAL D 201 -12.85 -10.26 24.69
C VAL D 201 -13.38 -10.34 23.25
N VAL D 202 -12.77 -11.18 22.42
CA VAL D 202 -13.06 -11.17 20.99
C VAL D 202 -14.51 -11.62 20.65
N LYS D 203 -15.01 -12.59 21.36
CA LYS D 203 -16.39 -13.10 21.11
C LYS D 203 -17.47 -12.49 22.03
N SER D 204 -17.12 -11.44 22.77
CA SER D 204 -18.09 -10.68 23.56
C SER D 204 -19.12 -9.89 22.72
N ALA D 205 -20.33 -9.75 23.25
CA ALA D 205 -21.30 -8.80 22.68
C ALA D 205 -20.82 -7.34 22.74
N ASP D 206 -19.91 -6.99 23.66
CA ASP D 206 -19.30 -5.63 23.74
C ASP D 206 -17.80 -5.78 24.09
N PRO D 207 -16.94 -5.93 23.06
CA PRO D 207 -15.51 -6.21 23.36
C PRO D 207 -14.82 -5.15 24.22
N THR D 208 -15.11 -3.87 23.93
CA THR D 208 -14.54 -2.73 24.66
C THR D 208 -14.83 -2.79 26.16
N LYS D 209 -16.08 -3.04 26.51
CA LYS D 209 -16.50 -3.14 27.90
C LYS D 209 -15.93 -4.40 28.62
N SER D 210 -15.87 -5.54 27.94
CA SER D 210 -15.26 -6.72 28.46
C SER D 210 -13.76 -6.52 28.79
N LEU D 211 -12.99 -5.92 27.89
CA LEU D 211 -11.55 -5.63 28.21
C LEU D 211 -11.41 -4.63 29.40
N ASN D 212 -12.25 -3.59 29.41
CA ASN D 212 -12.22 -2.58 30.48
C ASN D 212 -12.51 -3.19 31.85
N SER D 213 -13.39 -4.16 31.91
CA SER D 213 -13.65 -4.82 33.16
C SER D 213 -12.47 -5.61 33.69
N LEU D 214 -11.69 -6.23 32.80
CA LEU D 214 -10.54 -7.00 33.24
C LEU D 214 -9.41 -6.11 33.76
N ILE D 215 -9.19 -4.96 33.11
CA ILE D 215 -8.03 -4.09 33.46
C ILE D 215 -8.32 -2.86 34.36
N GLU D 216 -9.57 -2.67 34.76
CA GLU D 216 -9.98 -1.60 35.72
C GLU D 216 -9.30 -1.72 37.06
N LEU D 217 -8.62 -0.65 37.49
CA LEU D 217 -7.97 -0.62 38.82
C LEU D 217 -8.57 0.34 39.88
N LYS D 218 -9.55 1.16 39.54
CA LYS D 218 -10.19 2.13 40.49
C LYS D 218 -9.20 3.10 41.11
N LEU D 219 -8.53 3.85 40.24
CA LEU D 219 -7.55 4.86 40.63
C LEU D 219 -8.23 6.20 40.90
N GLU D 220 -7.64 7.00 41.79
CA GLU D 220 -8.00 8.42 41.96
C GLU D 220 -7.06 9.29 41.13
N HIS D 221 -7.59 10.38 40.59
CA HIS D 221 -6.79 11.35 39.82
C HIS D 221 -6.97 12.71 40.47
N HIS D 222 -6.01 13.61 40.25
CA HIS D 222 -5.92 14.88 40.96
C HIS D 222 -7.05 15.86 40.62
#